data_1UYU
#
_entry.id   1UYU
#
_cell.length_a   67.200
_cell.length_b   62.300
_cell.length_c   95.300
_cell.angle_alpha   90.00
_cell.angle_beta   90.50
_cell.angle_gamma   90.00
#
_symmetry.space_group_name_H-M   'P 1 21 1'
#
loop_
_entity.id
_entity.type
_entity.pdbx_description
1 polymer 'CYTOCHROME P450-CAM'
2 non-polymer 'PROTOPORPHYRIN IX CONTAINING FE'
3 non-polymer CAMPHOR
4 non-polymer 'POTASSIUM ION'
5 non-polymer XENON
6 water water
#
_entity_poly.entity_id   1
_entity_poly.type   'polypeptide(L)'
_entity_poly.pdbx_seq_one_letter_code
;TTETIQSNANLAPLPPHVPEHLVFDFDMYNPSNLSAGVQEAWAVLQESNVPDLVWTRCNGGHWIATRGQLIREAYEDYRH
FSSECPFIPREAGEAYDFIPTSMDPPEQRQFRALANQVVGMPVVDKLENRIQELACSLIESLRPQGQCNFTEDYAEPFPI
RIFMLLAGLPEEDIPHLKYLTDQMTRPDGSMTFAEAKEALYDYLIPIIEQRRQKPGTDAISIVANGQVNGRPITSDEAKR
MCGLLLVGGLDTVVNFLSFSMEFLAKSPEHRQELIQRPERIPAACEELLRRFSLVADGRILTSDYEFHGVQLKKGDQILL
PQMLSGLDERENACPMHVDFSRQKVSHTTFGHGSHLCLGQHLARREIIVTLKEWLTRIPDFSIAPGAQIQHKSGIVSGVQ
ALPLVWDPATTKAV
;
_entity_poly.pdbx_strand_id   A,B
#
# COMPACT_ATOMS: atom_id res chain seq x y z
N LEU A 11 40.18 -8.20 -29.59
CA LEU A 11 40.92 -8.65 -28.38
C LEU A 11 42.28 -7.96 -28.29
N ALA A 12 42.62 -7.47 -27.10
CA ALA A 12 43.82 -6.66 -26.90
C ALA A 12 44.93 -7.46 -26.20
N PRO A 13 46.19 -7.21 -26.56
CA PRO A 13 47.32 -7.96 -26.00
C PRO A 13 47.36 -8.03 -24.46
N LEU A 14 47.41 -9.25 -23.93
CA LEU A 14 47.57 -9.48 -22.49
C LEU A 14 48.80 -8.74 -21.93
N PRO A 15 48.61 -7.80 -20.99
CA PRO A 15 49.73 -7.09 -20.38
C PRO A 15 50.68 -8.06 -19.67
N PRO A 16 51.98 -7.75 -19.65
CA PRO A 16 52.97 -8.61 -18.99
C PRO A 16 52.56 -9.05 -17.58
N HIS A 17 52.02 -8.14 -16.78
CA HIS A 17 51.78 -8.39 -15.36
C HIS A 17 50.53 -9.21 -15.03
N VAL A 18 49.71 -9.51 -16.04
CA VAL A 18 48.49 -10.29 -15.87
C VAL A 18 48.74 -11.77 -16.12
N PRO A 19 48.53 -12.63 -15.11
CA PRO A 19 48.71 -14.07 -15.30
C PRO A 19 47.61 -14.68 -16.16
N GLU A 20 47.97 -15.62 -17.03
CA GLU A 20 47.06 -16.29 -17.97
C GLU A 20 45.83 -16.93 -17.30
N HIS A 21 45.98 -17.39 -16.06
CA HIS A 21 44.89 -18.09 -15.36
C HIS A 21 43.77 -17.18 -14.80
N LEU A 22 43.89 -15.88 -15.01
CA LEU A 22 42.86 -14.93 -14.57
C LEU A 22 42.09 -14.31 -15.75
N VAL A 23 42.36 -14.77 -16.97
CA VAL A 23 41.76 -14.19 -18.16
C VAL A 23 40.38 -14.79 -18.45
N PHE A 24 39.34 -14.00 -18.17
CA PHE A 24 37.97 -14.29 -18.58
C PHE A 24 37.53 -13.16 -19.53
N ASP A 25 37.25 -13.52 -20.79
CA ASP A 25 37.00 -12.55 -21.84
C ASP A 25 35.53 -12.06 -21.87
N PHE A 26 35.15 -11.28 -20.87
CA PHE A 26 33.79 -10.73 -20.75
C PHE A 26 33.69 -9.40 -21.49
N ASP A 27 32.68 -9.27 -22.35
CA ASP A 27 32.42 -8.04 -23.06
C ASP A 27 31.20 -7.33 -22.42
N MET A 28 31.47 -6.21 -21.76
CA MET A 28 30.45 -5.52 -20.96
C MET A 28 29.39 -4.85 -21.82
N TYR A 29 29.74 -4.57 -23.07
CA TYR A 29 28.81 -3.98 -24.03
C TYR A 29 28.09 -5.00 -24.92
N ASN A 30 28.50 -6.26 -24.86
CA ASN A 30 27.81 -7.33 -25.59
C ASN A 30 28.17 -8.71 -25.02
N PRO A 31 27.70 -9.02 -23.82
CA PRO A 31 28.11 -10.23 -23.12
C PRO A 31 27.48 -11.49 -23.71
N SER A 32 28.21 -12.61 -23.61
CA SER A 32 27.88 -13.82 -24.38
C SER A 32 26.46 -14.30 -24.18
N ASN A 33 26.04 -14.37 -22.93
CA ASN A 33 24.76 -15.00 -22.60
C ASN A 33 23.59 -14.02 -22.54
N LEU A 34 23.64 -12.97 -23.36
CA LEU A 34 22.70 -11.85 -23.24
C LEU A 34 21.24 -12.25 -23.43
N SER A 35 21.01 -13.27 -24.27
CA SER A 35 19.67 -13.79 -24.54
C SER A 35 18.99 -14.42 -23.32
N ALA A 36 19.76 -14.81 -22.31
CA ALA A 36 19.17 -15.31 -21.06
C ALA A 36 18.72 -14.17 -20.11
N GLY A 37 19.00 -12.93 -20.49
CA GLY A 37 18.75 -11.77 -19.64
C GLY A 37 20.09 -11.11 -19.28
N VAL A 38 20.11 -9.78 -19.19
CA VAL A 38 21.38 -9.09 -18.99
C VAL A 38 21.99 -9.39 -17.61
N GLN A 39 21.16 -9.50 -16.57
CA GLN A 39 21.68 -9.79 -15.22
C GLN A 39 22.26 -11.22 -15.15
N GLU A 40 21.56 -12.17 -15.77
CA GLU A 40 22.02 -13.56 -15.94
C GLU A 40 23.33 -13.62 -16.74
N ALA A 41 23.45 -12.75 -17.74
CA ALA A 41 24.65 -12.72 -18.57
C ALA A 41 25.86 -12.24 -17.77
N TRP A 42 25.65 -11.24 -16.91
CA TRP A 42 26.74 -10.75 -16.07
C TRP A 42 27.05 -11.76 -14.99
N ALA A 43 26.04 -12.53 -14.59
CA ALA A 43 26.16 -13.48 -13.49
C ALA A 43 27.03 -14.69 -13.82
N VAL A 44 27.41 -14.87 -15.08
CA VAL A 44 28.35 -15.94 -15.44
C VAL A 44 29.72 -15.70 -14.80
N LEU A 45 30.02 -14.44 -14.49
CA LEU A 45 31.23 -14.08 -13.74
C LEU A 45 31.22 -14.57 -12.30
N GLN A 46 30.13 -15.21 -11.88
CA GLN A 46 30.02 -15.71 -10.51
C GLN A 46 29.80 -17.23 -10.43
N GLU A 47 29.97 -17.93 -11.55
CA GLU A 47 30.04 -19.38 -11.55
C GLU A 47 31.22 -19.89 -10.68
N SER A 48 31.18 -21.17 -10.29
CA SER A 48 32.10 -21.70 -9.27
C SER A 48 33.58 -21.70 -9.71
N ASN A 49 33.79 -21.81 -11.02
CA ASN A 49 35.12 -21.84 -11.62
C ASN A 49 35.78 -20.47 -11.84
N VAL A 50 35.00 -19.40 -11.76
CA VAL A 50 35.51 -18.07 -12.06
C VAL A 50 36.09 -17.41 -10.80
N PRO A 51 37.32 -16.89 -10.89
CA PRO A 51 37.95 -16.24 -9.74
C PRO A 51 37.32 -14.89 -9.35
N ASP A 52 37.52 -14.51 -8.09
CA ASP A 52 37.03 -13.24 -7.54
C ASP A 52 37.41 -12.00 -8.34
N LEU A 53 38.43 -12.12 -9.20
CA LEU A 53 39.00 -10.98 -9.88
C LEU A 53 39.70 -11.47 -11.14
N VAL A 54 39.16 -11.05 -12.28
CA VAL A 54 39.58 -11.51 -13.60
C VAL A 54 39.99 -10.34 -14.48
N TRP A 55 40.72 -10.66 -15.53
CA TRP A 55 41.06 -9.71 -16.57
C TRP A 55 40.30 -10.11 -17.82
N THR A 56 39.76 -9.11 -18.52
CA THR A 56 39.23 -9.34 -19.85
C THR A 56 40.09 -8.56 -20.84
N ARG A 57 40.33 -9.18 -21.98
CA ARG A 57 41.04 -8.54 -23.07
C ARG A 57 40.08 -7.71 -23.94
N CYS A 58 38.78 -7.82 -23.70
CA CYS A 58 37.79 -6.98 -24.40
C CYS A 58 37.89 -5.52 -24.03
N ASN A 59 37.43 -4.68 -24.95
CA ASN A 59 37.29 -3.25 -24.73
C ASN A 59 38.57 -2.58 -24.22
N GLY A 60 39.72 -3.06 -24.71
CA GLY A 60 41.02 -2.48 -24.39
C GLY A 60 41.76 -3.14 -23.25
N GLY A 61 41.10 -4.06 -22.55
CA GLY A 61 41.70 -4.74 -21.42
C GLY A 61 41.44 -4.05 -20.08
N HIS A 62 40.83 -4.77 -19.15
CA HIS A 62 40.63 -4.26 -17.79
C HIS A 62 40.31 -5.35 -16.80
N TRP A 63 40.58 -5.09 -15.53
CA TRP A 63 40.15 -5.96 -14.45
C TRP A 63 38.62 -5.88 -14.27
N ILE A 64 38.04 -6.91 -13.66
CA ILE A 64 36.63 -6.98 -13.27
C ILE A 64 36.53 -7.69 -11.93
N ALA A 65 36.16 -7.00 -10.87
CA ALA A 65 35.85 -7.65 -9.61
C ALA A 65 34.47 -8.29 -9.72
N THR A 66 34.35 -9.58 -9.37
CA THR A 66 33.13 -10.36 -9.60
C THR A 66 32.28 -10.63 -8.38
N ARG A 67 32.76 -10.23 -7.20
CA ARG A 67 32.06 -10.52 -5.95
C ARG A 67 31.84 -9.25 -5.15
N GLY A 68 30.72 -9.22 -4.43
CA GLY A 68 30.34 -8.07 -3.63
C GLY A 68 31.41 -7.56 -2.69
N GLN A 69 32.11 -8.48 -2.01
CA GLN A 69 33.12 -8.10 -1.04
C GLN A 69 34.24 -7.28 -1.68
N LEU A 70 34.67 -7.69 -2.86
CA LEU A 70 35.69 -6.97 -3.62
C LEU A 70 35.16 -5.64 -4.17
N ILE A 71 33.93 -5.68 -4.70
CA ILE A 71 33.32 -4.47 -5.25
C ILE A 71 33.19 -3.40 -4.18
N ARG A 72 32.64 -3.76 -3.02
CA ARG A 72 32.51 -2.83 -1.90
C ARG A 72 33.85 -2.30 -1.44
N GLU A 73 34.82 -3.20 -1.28
CA GLU A 73 36.14 -2.82 -0.76
C GLU A 73 36.78 -1.79 -1.67
N ALA A 74 36.70 -2.01 -2.98
CA ALA A 74 37.35 -1.10 -3.93
C ALA A 74 36.68 0.29 -3.98
N TYR A 75 35.35 0.32 -3.85
CA TYR A 75 34.62 1.60 -3.82
C TYR A 75 34.91 2.43 -2.57
N GLU A 76 35.15 1.75 -1.45
CA GLU A 76 35.53 2.37 -0.17
C GLU A 76 36.93 2.97 -0.23
N ASP A 77 37.83 2.31 -0.95
CA ASP A 77 39.25 2.63 -0.95
C ASP A 77 39.61 3.57 -2.12
N TYR A 78 39.31 4.86 -1.96
CA TYR A 78 39.49 5.81 -3.06
C TYR A 78 40.93 6.25 -3.26
N ARG A 79 41.81 5.95 -2.31
CA ARG A 79 43.20 6.33 -2.46
C ARG A 79 43.90 5.43 -3.47
N HIS A 80 43.52 4.15 -3.50
CA HIS A 80 43.99 3.23 -4.54
C HIS A 80 43.12 3.20 -5.80
N PHE A 81 41.81 3.36 -5.67
CA PHE A 81 40.86 3.16 -6.76
C PHE A 81 40.16 4.48 -7.05
N SER A 82 40.72 5.21 -8.00
CA SER A 82 40.29 6.56 -8.29
C SER A 82 39.17 6.61 -9.30
N SER A 83 38.26 7.57 -9.11
CA SER A 83 37.16 7.80 -10.01
C SER A 83 37.51 8.79 -11.13
N GLU A 84 38.77 9.23 -11.20
CA GLU A 84 39.25 10.13 -12.26
C GLU A 84 38.99 9.56 -13.65
N CYS A 85 38.99 8.24 -13.77
CA CYS A 85 38.81 7.52 -15.01
C CYS A 85 37.86 6.33 -14.75
N PRO A 86 36.54 6.59 -14.66
CA PRO A 86 35.59 5.56 -14.22
C PRO A 86 34.87 4.74 -15.30
N PHE A 87 35.00 5.11 -16.57
CA PHE A 87 34.37 4.38 -17.65
C PHE A 87 35.40 3.56 -18.43
N ILE A 88 34.92 2.45 -18.96
CA ILE A 88 35.62 1.64 -19.95
C ILE A 88 34.82 1.83 -21.23
N PRO A 89 35.48 1.99 -22.38
CA PRO A 89 36.92 1.80 -22.54
C PRO A 89 37.72 3.02 -22.09
N ARG A 90 39.05 2.92 -22.17
CA ARG A 90 39.93 3.90 -21.57
C ARG A 90 39.72 5.30 -22.12
N GLU A 91 39.42 5.42 -23.41
CA GLU A 91 39.22 6.73 -24.03
C GLU A 91 37.94 7.44 -23.51
N ALA A 92 36.92 6.66 -23.15
CA ALA A 92 35.72 7.22 -22.50
C ALA A 92 36.05 7.66 -21.08
N GLY A 93 36.74 6.81 -20.33
CA GLY A 93 37.16 7.16 -18.98
C GLY A 93 38.03 8.40 -18.92
N GLU A 94 38.87 8.58 -19.94
CA GLU A 94 39.79 9.71 -19.96
C GLU A 94 39.03 10.99 -20.29
N ALA A 95 38.07 10.92 -21.20
CA ALA A 95 37.26 12.08 -21.55
C ALA A 95 36.23 12.44 -20.47
N TYR A 96 35.90 11.46 -19.63
CA TYR A 96 34.87 11.62 -18.59
C TYR A 96 35.31 12.61 -17.51
N ASP A 97 34.62 13.77 -17.42
CA ASP A 97 34.95 14.81 -16.45
C ASP A 97 33.72 15.35 -15.73
N PHE A 98 32.66 14.57 -15.69
CA PHE A 98 31.45 15.00 -15.01
C PHE A 98 31.74 15.20 -13.52
N ILE A 99 31.00 16.12 -12.90
CA ILE A 99 31.13 16.40 -11.47
C ILE A 99 29.83 16.02 -10.80
N PRO A 100 29.88 15.33 -9.65
CA PRO A 100 31.12 15.02 -8.89
C PRO A 100 31.82 13.68 -9.17
N THR A 101 31.31 12.87 -10.09
CA THR A 101 31.72 11.48 -10.21
C THR A 101 33.20 11.28 -10.59
N SER A 102 33.76 12.21 -11.36
CA SER A 102 35.17 12.13 -11.78
C SER A 102 36.15 12.70 -10.75
N MET A 103 35.65 13.11 -9.59
CA MET A 103 36.50 13.63 -8.53
C MET A 103 36.56 12.67 -7.35
N ASP A 104 37.71 12.62 -6.69
CA ASP A 104 37.85 11.85 -5.46
C ASP A 104 37.67 12.80 -4.29
N PRO A 105 37.31 12.27 -3.12
CA PRO A 105 37.42 13.04 -1.89
C PRO A 105 38.89 13.37 -1.70
N PRO A 106 39.25 14.51 -1.11
CA PRO A 106 38.31 15.45 -0.49
C PRO A 106 37.58 16.42 -1.44
N GLU A 107 38.13 16.65 -2.63
CA GLU A 107 37.65 17.61 -3.61
C GLU A 107 36.18 17.39 -4.01
N GLN A 108 35.79 16.13 -4.14
CA GLN A 108 34.47 15.77 -4.62
C GLN A 108 33.35 16.29 -3.71
N ARG A 109 33.64 16.34 -2.42
CA ARG A 109 32.62 16.50 -1.39
C ARG A 109 31.82 17.78 -1.50
N GLN A 110 32.50 18.89 -1.77
CA GLN A 110 31.84 20.19 -1.93
C GLN A 110 30.77 20.25 -3.04
N PHE A 111 30.99 19.50 -4.11
CA PHE A 111 30.02 19.44 -5.22
C PHE A 111 28.77 18.59 -4.95
N ARG A 112 28.86 17.61 -4.04
CA ARG A 112 27.69 16.80 -3.66
C ARG A 112 26.60 17.60 -2.98
N ALA A 113 26.98 18.53 -2.12
CA ALA A 113 26.00 19.34 -1.39
C ALA A 113 25.15 20.14 -2.36
N LEU A 114 25.81 20.74 -3.35
CA LEU A 114 25.11 21.52 -4.34
C LEU A 114 24.20 20.61 -5.16
N ALA A 115 24.68 19.44 -5.55
CA ALA A 115 23.86 18.54 -6.36
C ALA A 115 22.66 18.01 -5.58
N ASN A 116 22.82 17.86 -4.26
CA ASN A 116 21.71 17.50 -3.35
C ASN A 116 20.62 18.57 -3.30
N GLN A 117 20.98 19.82 -3.55
CA GLN A 117 19.98 20.87 -3.65
C GLN A 117 18.99 20.67 -4.80
N VAL A 118 19.43 20.04 -5.88
CA VAL A 118 18.56 19.91 -7.05
C VAL A 118 17.87 18.57 -7.15
N VAL A 119 18.43 17.53 -6.57
CA VAL A 119 17.81 16.19 -6.65
C VAL A 119 17.61 15.51 -5.29
N GLY A 120 17.89 16.21 -4.21
CA GLY A 120 17.79 15.66 -2.87
C GLY A 120 16.35 15.43 -2.45
N MET A 121 16.18 14.86 -1.27
CA MET A 121 14.87 14.49 -0.71
C MET A 121 13.89 15.68 -0.59
N PRO A 122 14.35 16.86 -0.18
CA PRO A 122 13.45 18.02 -0.17
C PRO A 122 12.89 18.42 -1.55
N VAL A 123 13.65 18.18 -2.61
CA VAL A 123 13.17 18.40 -3.98
C VAL A 123 12.16 17.32 -4.43
N VAL A 124 12.40 16.06 -4.07
CA VAL A 124 11.48 14.96 -4.36
C VAL A 124 10.14 15.26 -3.69
N ASP A 125 10.19 15.64 -2.41
CA ASP A 125 9.01 16.05 -1.66
C ASP A 125 8.18 17.10 -2.39
N LYS A 126 8.83 18.14 -2.89
CA LYS A 126 8.21 19.19 -3.70
C LYS A 126 7.60 18.72 -5.04
N LEU A 127 8.26 17.77 -5.69
CA LEU A 127 7.82 17.25 -7.00
C LEU A 127 6.78 16.15 -6.84
N GLU A 128 6.48 15.77 -5.60
CA GLU A 128 5.69 14.58 -5.33
C GLU A 128 4.31 14.65 -6.01
N ASN A 129 3.67 15.82 -5.97
CA ASN A 129 2.41 16.06 -6.67
C ASN A 129 2.52 15.82 -8.16
N ARG A 130 3.53 16.39 -8.80
CA ARG A 130 3.66 16.30 -10.25
C ARG A 130 4.08 14.89 -10.68
N ILE A 131 4.85 14.19 -9.84
CA ILE A 131 5.22 12.81 -10.11
C ILE A 131 3.97 11.92 -10.12
N GLN A 132 3.18 11.99 -9.07
CA GLN A 132 1.93 11.22 -8.98
C GLN A 132 1.00 11.55 -10.13
N GLU A 133 0.81 12.84 -10.41
CA GLU A 133 -0.07 13.29 -11.49
C GLU A 133 0.33 12.73 -12.85
N LEU A 134 1.62 12.81 -13.17
CA LEU A 134 2.07 12.32 -14.48
C LEU A 134 1.89 10.81 -14.60
N ALA A 135 2.28 10.06 -13.58
CA ALA A 135 2.09 8.61 -13.56
C ALA A 135 0.62 8.23 -13.83
N CYS A 136 -0.28 8.78 -13.05
CA CYS A 136 -1.73 8.54 -13.21
C CYS A 136 -2.24 8.92 -14.60
N SER A 137 -1.80 10.06 -15.11
CA SER A 137 -2.23 10.55 -16.40
C SER A 137 -1.75 9.63 -17.54
N LEU A 138 -0.47 9.23 -17.53
CA LEU A 138 0.05 8.28 -18.52
C LEU A 138 -0.66 6.92 -18.47
N ILE A 139 -0.85 6.38 -17.27
CA ILE A 139 -1.45 5.05 -17.11
C ILE A 139 -2.95 5.07 -17.52
N GLU A 140 -3.70 6.08 -17.07
CA GLU A 140 -5.12 6.20 -17.48
C GLU A 140 -5.27 6.29 -19.02
N SER A 141 -4.33 6.96 -19.69
CA SER A 141 -4.38 7.08 -21.14
C SER A 141 -4.20 5.73 -21.79
N LEU A 142 -3.33 4.91 -21.21
CA LEU A 142 -3.05 3.57 -21.72
C LEU A 142 -4.12 2.57 -21.33
N ARG A 143 -4.77 2.76 -20.19
CA ARG A 143 -5.58 1.72 -19.56
C ARG A 143 -6.66 1.11 -20.47
N PRO A 144 -7.45 1.92 -21.17
CA PRO A 144 -8.49 1.35 -22.05
C PRO A 144 -7.99 0.67 -23.34
N GLN A 145 -6.71 0.85 -23.71
CA GLN A 145 -6.16 0.26 -24.96
C GLN A 145 -5.95 -1.23 -24.90
N GLY A 146 -5.75 -1.78 -23.70
CA GLY A 146 -5.43 -3.18 -23.54
C GLY A 146 -4.04 -3.56 -24.02
N GLN A 147 -3.18 -2.57 -24.24
CA GLN A 147 -1.81 -2.82 -24.72
C GLN A 147 -0.98 -1.56 -24.66
N CYS A 148 0.34 -1.75 -24.63
CA CYS A 148 1.27 -0.66 -24.78
C CYS A 148 2.64 -1.19 -25.14
N ASN A 149 3.45 -0.32 -25.71
CA ASN A 149 4.88 -0.53 -25.80
C ASN A 149 5.49 0.17 -24.56
N PHE A 150 5.69 -0.57 -23.49
CA PHE A 150 5.97 0.02 -22.20
C PHE A 150 7.21 0.93 -22.16
N THR A 151 8.30 0.58 -22.87
CA THR A 151 9.52 1.38 -22.80
C THR A 151 9.29 2.75 -23.38
N GLU A 152 8.56 2.82 -24.47
CA GLU A 152 8.29 4.07 -25.16
C GLU A 152 7.03 4.80 -24.64
N ASP A 153 6.08 4.08 -24.05
CA ASP A 153 4.80 4.67 -23.65
C ASP A 153 4.78 5.13 -22.18
N TYR A 154 5.69 4.61 -21.36
CA TYR A 154 5.73 4.94 -19.94
C TYR A 154 7.15 5.12 -19.38
N ALA A 155 8.00 4.11 -19.55
CA ALA A 155 9.32 4.09 -18.93
C ALA A 155 10.16 5.30 -19.33
N GLU A 156 10.09 5.70 -20.59
CA GLU A 156 10.80 6.90 -21.03
C GLU A 156 10.10 8.20 -20.62
N PRO A 157 8.86 8.43 -21.02
CA PRO A 157 8.20 9.70 -20.71
C PRO A 157 8.02 10.01 -19.25
N PHE A 158 7.81 9.03 -18.39
CA PHE A 158 7.50 9.32 -16.99
C PHE A 158 8.70 9.96 -16.27
N PRO A 159 9.84 9.29 -16.18
CA PRO A 159 11.01 9.91 -15.58
C PRO A 159 11.61 11.06 -16.41
N ILE A 160 11.57 10.98 -17.72
CA ILE A 160 12.18 12.01 -18.53
C ILE A 160 11.42 13.32 -18.43
N ARG A 161 10.09 13.25 -18.49
CA ARG A 161 9.32 14.47 -18.38
C ARG A 161 9.42 15.14 -17.02
N ILE A 162 9.55 14.35 -15.96
CA ILE A 162 9.77 14.91 -14.64
C ILE A 162 11.12 15.60 -14.59
N PHE A 163 12.13 15.00 -15.21
CA PHE A 163 13.43 15.60 -15.18
C PHE A 163 13.48 16.89 -15.99
N MET A 164 12.86 16.89 -17.15
CA MET A 164 12.81 18.06 -17.99
C MET A 164 12.05 19.18 -17.27
N LEU A 165 11.05 18.81 -16.47
CA LEU A 165 10.27 19.80 -15.71
C LEU A 165 11.17 20.46 -14.66
N LEU A 166 11.87 19.64 -13.91
CA LEU A 166 12.77 20.07 -12.86
C LEU A 166 13.93 20.95 -13.38
N ALA A 167 14.44 20.58 -14.55
CA ALA A 167 15.56 21.26 -15.19
C ALA A 167 15.11 22.50 -15.96
N GLY A 168 13.80 22.67 -16.11
CA GLY A 168 13.21 23.73 -16.92
C GLY A 168 13.59 23.69 -18.39
N LEU A 169 13.60 22.48 -18.96
CA LEU A 169 13.93 22.28 -20.36
C LEU A 169 12.70 21.84 -21.14
N PRO A 170 12.60 22.23 -22.42
CA PRO A 170 11.42 21.89 -23.22
C PRO A 170 11.40 20.43 -23.65
N GLU A 171 10.21 19.84 -23.68
CA GLU A 171 10.05 18.43 -23.98
C GLU A 171 10.44 18.10 -25.42
N GLU A 172 10.42 19.11 -26.28
CA GLU A 172 10.84 18.94 -27.67
C GLU A 172 12.32 18.60 -27.78
N ASP A 173 13.08 18.83 -26.71
CA ASP A 173 14.52 18.52 -26.71
C ASP A 173 14.82 17.10 -26.33
N ILE A 174 13.80 16.33 -25.93
CA ILE A 174 14.04 15.01 -25.38
C ILE A 174 14.72 14.05 -26.34
N PRO A 175 14.28 13.95 -27.59
CA PRO A 175 14.90 13.00 -28.51
C PRO A 175 16.38 13.24 -28.68
N HIS A 176 16.78 14.51 -28.74
CA HIS A 176 18.18 14.84 -28.86
C HIS A 176 19.00 14.42 -27.64
N LEU A 177 18.53 14.82 -26.47
CA LEU A 177 19.25 14.53 -25.25
C LEU A 177 19.27 13.04 -24.93
N LYS A 178 18.16 12.34 -25.15
CA LYS A 178 18.09 10.90 -24.93
C LYS A 178 19.04 10.16 -25.85
N TYR A 179 19.15 10.62 -27.10
CA TYR A 179 20.12 10.03 -28.04
C TYR A 179 21.55 10.14 -27.51
N LEU A 180 21.93 11.33 -27.06
CA LEU A 180 23.27 11.55 -26.54
C LEU A 180 23.57 10.71 -25.29
N THR A 181 22.66 10.73 -24.31
CA THR A 181 22.91 9.98 -23.07
C THR A 181 23.09 8.50 -23.38
N ASP A 182 22.28 7.97 -24.29
CA ASP A 182 22.37 6.56 -24.72
C ASP A 182 23.72 6.24 -25.37
N GLN A 183 24.31 7.21 -26.05
CA GLN A 183 25.63 7.00 -26.68
C GLN A 183 26.72 6.94 -25.64
N MET A 184 26.52 7.60 -24.50
CA MET A 184 27.49 7.52 -23.41
C MET A 184 27.43 6.23 -22.61
N THR A 185 26.29 5.55 -22.60
CA THR A 185 26.14 4.35 -21.75
C THR A 185 26.01 3.05 -22.53
N ARG A 186 25.37 3.10 -23.69
CA ARG A 186 25.24 1.96 -24.59
C ARG A 186 25.50 2.41 -26.02
N PRO A 187 26.75 2.76 -26.35
CA PRO A 187 27.04 3.33 -27.67
C PRO A 187 26.68 2.38 -28.83
N ASP A 188 26.13 2.91 -29.93
CA ASP A 188 25.82 2.09 -31.10
C ASP A 188 26.91 2.16 -32.19
N GLY A 189 27.93 3.00 -31.99
CA GLY A 189 29.05 3.13 -32.90
C GLY A 189 29.12 4.47 -33.61
N SER A 190 27.98 5.14 -33.75
CA SER A 190 27.93 6.44 -34.43
C SER A 190 28.72 7.55 -33.73
N MET A 191 28.86 7.45 -32.41
CA MET A 191 29.49 8.51 -31.61
C MET A 191 30.38 7.94 -30.52
N THR A 192 31.58 8.50 -30.38
CA THR A 192 32.42 8.17 -29.23
C THR A 192 31.84 8.81 -27.98
N PHE A 193 32.30 8.35 -26.83
CA PHE A 193 31.85 8.93 -25.58
C PHE A 193 32.15 10.43 -25.57
N ALA A 194 33.35 10.83 -25.99
CA ALA A 194 33.79 12.23 -25.93
C ALA A 194 32.99 13.14 -26.84
N GLU A 195 32.59 12.62 -28.01
CA GLU A 195 31.71 13.34 -28.94
C GLU A 195 30.33 13.57 -28.32
N ALA A 196 29.76 12.52 -27.76
CA ALA A 196 28.45 12.61 -27.09
C ALA A 196 28.51 13.62 -25.95
N LYS A 197 29.56 13.53 -25.14
CA LYS A 197 29.75 14.45 -24.02
C LYS A 197 29.85 15.90 -24.46
N GLU A 198 30.64 16.18 -25.49
CA GLU A 198 30.79 17.56 -25.95
C GLU A 198 29.51 18.08 -26.60
N ALA A 199 28.68 17.20 -27.15
CA ALA A 199 27.39 17.61 -27.70
C ALA A 199 26.44 18.01 -26.58
N LEU A 200 26.51 17.29 -25.47
CA LEU A 200 25.71 17.61 -24.31
C LEU A 200 26.13 18.96 -23.72
N TYR A 201 27.43 19.16 -23.58
CA TYR A 201 27.97 20.46 -23.12
C TYR A 201 27.57 21.63 -24.00
N ASP A 202 27.68 21.44 -25.31
CA ASP A 202 27.27 22.42 -26.32
C ASP A 202 25.81 22.82 -26.16
N TYR A 203 24.96 21.83 -25.91
CA TYR A 203 23.57 22.08 -25.53
C TYR A 203 23.46 22.96 -24.29
N LEU A 204 24.21 22.61 -23.24
CA LEU A 204 24.11 23.28 -21.93
C LEU A 204 24.70 24.70 -21.86
N ILE A 205 25.79 24.94 -22.57
CA ILE A 205 26.54 26.21 -22.40
C ILE A 205 25.70 27.47 -22.48
N PRO A 206 24.93 27.69 -23.54
CA PRO A 206 24.10 28.90 -23.60
C PRO A 206 23.03 28.96 -22.52
N ILE A 207 22.46 27.82 -22.19
CA ILE A 207 21.44 27.78 -21.15
C ILE A 207 22.05 28.19 -19.79
N ILE A 208 23.25 27.70 -19.49
CA ILE A 208 23.90 28.01 -18.23
C ILE A 208 24.24 29.50 -18.17
N GLU A 209 24.68 30.06 -19.30
CA GLU A 209 24.94 31.51 -19.36
C GLU A 209 23.69 32.35 -19.14
N GLN A 210 22.57 31.97 -19.77
CA GLN A 210 21.28 32.65 -19.60
C GLN A 210 20.81 32.66 -18.16
N ARG A 211 20.96 31.54 -17.47
CA ARG A 211 20.38 31.37 -16.16
C ARG A 211 21.31 31.90 -15.08
N ARG A 212 22.54 32.18 -15.45
CA ARG A 212 23.44 32.97 -14.61
C ARG A 212 23.14 34.47 -14.68
N GLN A 213 22.69 34.96 -15.83
CA GLN A 213 22.25 36.36 -15.99
C GLN A 213 20.88 36.59 -15.40
N LYS A 214 20.01 35.60 -15.58
CA LYS A 214 18.61 35.69 -15.18
C LYS A 214 18.26 34.43 -14.37
N PRO A 215 18.66 34.37 -13.09
CA PRO A 215 18.45 33.17 -12.28
C PRO A 215 16.98 32.87 -12.03
N GLY A 216 16.63 31.60 -12.11
CA GLY A 216 15.28 31.13 -11.81
C GLY A 216 15.30 30.01 -10.79
N THR A 217 14.25 29.22 -10.82
CA THR A 217 13.91 28.22 -9.81
C THR A 217 14.32 26.81 -10.21
N ASP A 218 14.63 26.66 -11.48
CA ASP A 218 14.94 25.36 -12.09
C ASP A 218 16.31 24.84 -11.70
N ALA A 219 16.56 23.57 -11.99
CA ALA A 219 17.77 22.90 -11.51
C ALA A 219 19.02 23.49 -12.16
N ILE A 220 18.95 23.89 -13.43
CA ILE A 220 20.12 24.50 -14.04
C ILE A 220 20.48 25.84 -13.40
N SER A 221 19.50 26.69 -13.09
CA SER A 221 19.71 27.93 -12.35
C SER A 221 20.35 27.70 -11.00
N ILE A 222 19.86 26.69 -10.30
CA ILE A 222 20.34 26.41 -8.96
C ILE A 222 21.80 25.96 -9.01
N VAL A 223 22.15 25.09 -9.95
CA VAL A 223 23.52 24.63 -10.07
C VAL A 223 24.40 25.82 -10.49
N ALA A 224 24.00 26.48 -11.57
CA ALA A 224 24.79 27.54 -12.21
C ALA A 224 25.02 28.78 -11.33
N ASN A 225 24.13 29.03 -10.38
CA ASN A 225 24.25 30.19 -9.50
C ASN A 225 24.66 29.78 -8.08
N GLY A 226 25.11 28.54 -7.96
CA GLY A 226 25.33 27.94 -6.65
C GLY A 226 26.71 28.25 -6.14
N GLN A 227 26.92 27.81 -4.91
CA GLN A 227 28.19 27.95 -4.21
C GLN A 227 28.69 26.57 -3.83
N VAL A 228 29.99 26.39 -3.86
CA VAL A 228 30.61 25.16 -3.40
C VAL A 228 31.58 25.49 -2.24
N ASN A 229 31.25 24.95 -1.06
CA ASN A 229 31.86 25.38 0.20
C ASN A 229 32.18 26.88 0.24
N GLY A 230 31.16 27.69 -0.02
CA GLY A 230 31.23 29.12 0.22
C GLY A 230 31.85 30.03 -0.83
N ARG A 231 32.07 29.53 -2.04
CA ARG A 231 32.50 30.38 -3.16
C ARG A 231 31.74 30.04 -4.45
N PRO A 232 31.55 31.00 -5.34
CA PRO A 232 30.76 30.78 -6.56
C PRO A 232 31.31 29.67 -7.46
N ILE A 233 30.42 28.79 -7.92
CA ILE A 233 30.76 27.78 -8.92
C ILE A 233 31.12 28.48 -10.22
N THR A 234 32.09 27.98 -10.96
CA THR A 234 32.40 28.51 -12.30
C THR A 234 31.40 27.96 -13.32
N SER A 235 31.32 28.61 -14.47
CA SER A 235 30.45 28.14 -15.56
C SER A 235 30.84 26.74 -16.01
N ASP A 236 32.15 26.49 -16.03
CA ASP A 236 32.71 25.21 -16.46
C ASP A 236 32.31 24.10 -15.50
N GLU A 237 32.40 24.37 -14.20
CA GLU A 237 31.99 23.42 -13.17
C GLU A 237 30.49 23.17 -13.27
N ALA A 238 29.71 24.22 -13.52
CA ALA A 238 28.26 24.10 -13.62
C ALA A 238 27.87 23.21 -14.77
N LYS A 239 28.58 23.33 -15.89
CA LYS A 239 28.30 22.56 -17.08
C LYS A 239 28.63 21.09 -16.83
N ARG A 240 29.73 20.83 -16.13
CA ARG A 240 30.12 19.44 -15.87
C ARG A 240 29.19 18.76 -14.85
N MET A 241 28.56 19.51 -13.96
CA MET A 241 27.58 18.96 -13.02
C MET A 241 26.21 18.79 -13.68
N CYS A 242 25.80 19.77 -14.47
CA CYS A 242 24.50 19.72 -15.15
C CYS A 242 24.44 18.57 -16.13
N GLY A 243 25.53 18.32 -16.84
CA GLY A 243 25.59 17.19 -17.75
C GLY A 243 25.48 15.84 -17.07
N LEU A 244 26.05 15.72 -15.88
CA LEU A 244 25.93 14.49 -15.12
C LEU A 244 24.48 14.27 -14.74
N LEU A 245 23.83 15.32 -14.21
CA LEU A 245 22.44 15.26 -13.80
C LEU A 245 21.51 14.84 -14.95
N LEU A 246 21.78 15.38 -16.13
CA LEU A 246 21.05 15.00 -17.34
C LEU A 246 21.17 13.51 -17.63
N VAL A 247 22.39 12.99 -17.57
CA VAL A 247 22.58 11.58 -17.86
C VAL A 247 21.84 10.74 -16.81
N GLY A 248 21.95 11.14 -15.54
CA GLY A 248 21.26 10.44 -14.47
C GLY A 248 19.77 10.47 -14.67
N GLY A 249 19.25 11.61 -15.10
CA GLY A 249 17.81 11.80 -15.27
C GLY A 249 17.22 11.08 -16.47
N LEU A 250 18.00 10.87 -17.51
CA LEU A 250 17.47 10.37 -18.76
C LEU A 250 17.72 8.90 -19.01
N ASP A 251 18.50 8.24 -18.16
N ASP A 251 18.57 8.29 -18.19
CA ASP A 251 18.81 6.82 -18.43
CA ASP A 251 19.23 7.03 -18.55
C ASP A 251 18.55 5.81 -17.33
C ASP A 251 19.43 6.06 -17.40
N THR A 252 18.85 6.15 -16.09
N THR A 252 18.56 6.10 -16.41
CA THR A 252 18.82 5.14 -15.04
CA THR A 252 18.74 5.25 -15.24
C THR A 252 17.41 4.59 -14.80
C THR A 252 17.41 4.61 -14.83
N VAL A 253 16.53 5.43 -14.28
CA VAL A 253 15.18 5.01 -13.90
C VAL A 253 14.42 4.49 -15.12
N VAL A 254 14.61 5.15 -16.25
CA VAL A 254 14.01 4.72 -17.50
C VAL A 254 14.20 3.23 -17.73
N ASN A 255 15.44 2.79 -17.60
CA ASN A 255 15.77 1.40 -17.88
C ASN A 255 15.32 0.45 -16.78
N PHE A 256 15.45 0.89 -15.52
CA PHE A 256 15.07 0.06 -14.40
C PHE A 256 13.58 -0.23 -14.36
N LEU A 257 12.76 0.72 -14.77
CA LEU A 257 11.32 0.52 -14.78
C LEU A 257 10.93 -0.64 -15.71
N SER A 258 11.65 -0.78 -16.82
CA SER A 258 11.34 -1.80 -17.79
C SER A 258 11.67 -3.22 -17.31
N PHE A 259 12.80 -3.39 -16.61
CA PHE A 259 13.15 -4.69 -16.00
C PHE A 259 12.11 -5.06 -14.96
N SER A 260 11.71 -4.08 -14.16
CA SER A 260 10.75 -4.32 -13.11
C SER A 260 9.37 -4.72 -13.65
N MET A 261 8.93 -4.00 -14.67
CA MET A 261 7.65 -4.30 -15.28
C MET A 261 7.68 -5.59 -16.05
N GLU A 262 8.82 -5.95 -16.65
CA GLU A 262 8.93 -7.20 -17.39
C GLU A 262 8.75 -8.35 -16.40
N PHE A 263 9.44 -8.27 -15.28
CA PHE A 263 9.31 -9.23 -14.22
C PHE A 263 7.86 -9.36 -13.77
N LEU A 264 7.24 -8.23 -13.45
CA LEU A 264 5.87 -8.28 -12.92
C LEU A 264 4.90 -8.85 -13.94
N ALA A 265 5.11 -8.54 -15.22
CA ALA A 265 4.31 -9.06 -16.30
C ALA A 265 4.40 -10.60 -16.43
N LYS A 266 5.54 -11.15 -16.01
CA LYS A 266 5.81 -12.59 -16.05
C LYS A 266 5.48 -13.32 -14.75
N SER A 267 5.12 -12.61 -13.69
CA SER A 267 4.93 -13.22 -12.37
C SER A 267 3.62 -12.78 -11.68
N PRO A 268 2.53 -13.50 -11.97
CA PRO A 268 1.21 -13.16 -11.40
C PRO A 268 1.17 -13.18 -9.88
N GLU A 269 1.90 -14.09 -9.25
CA GLU A 269 1.92 -14.18 -7.80
C GLU A 269 2.56 -12.94 -7.18
N HIS A 270 3.57 -12.37 -7.85
CA HIS A 270 4.19 -11.14 -7.34
C HIS A 270 3.27 -9.94 -7.51
N ARG A 271 2.51 -9.88 -8.59
CA ARG A 271 1.51 -8.83 -8.73
C ARG A 271 0.46 -8.97 -7.62
N GLN A 272 -0.01 -10.19 -7.40
CA GLN A 272 -1.03 -10.45 -6.38
C GLN A 272 -0.57 -10.01 -4.99
N GLU A 273 0.67 -10.31 -4.65
CA GLU A 273 1.23 -9.90 -3.38
C GLU A 273 1.15 -8.37 -3.13
N LEU A 274 1.41 -7.57 -4.17
CA LEU A 274 1.41 -6.11 -4.03
C LEU A 274 0.01 -5.51 -4.07
N ILE A 275 -0.86 -6.15 -4.84
CA ILE A 275 -2.28 -5.78 -4.90
C ILE A 275 -2.92 -6.05 -3.54
N GLN A 276 -2.61 -7.20 -2.93
CA GLN A 276 -3.21 -7.57 -1.66
C GLN A 276 -2.63 -6.72 -0.52
N ARG A 277 -1.32 -6.46 -0.57
CA ARG A 277 -0.64 -5.74 0.50
C ARG A 277 0.18 -4.58 -0.07
N PRO A 278 -0.48 -3.52 -0.49
CA PRO A 278 0.21 -2.39 -1.13
C PRO A 278 1.25 -1.72 -0.25
N GLU A 279 1.13 -1.86 1.06
CA GLU A 279 2.10 -1.29 1.97
C GLU A 279 3.49 -1.94 1.83
N ARG A 280 3.55 -3.12 1.20
CA ARG A 280 4.82 -3.78 0.89
C ARG A 280 5.53 -3.24 -0.35
N ILE A 281 4.94 -2.25 -1.01
CA ILE A 281 5.52 -1.76 -2.26
C ILE A 281 6.95 -1.21 -2.06
N PRO A 282 7.22 -0.42 -1.00
CA PRO A 282 8.60 0.03 -0.72
C PRO A 282 9.61 -1.10 -0.53
N ALA A 283 9.21 -2.19 0.15
CA ALA A 283 10.09 -3.34 0.31
C ALA A 283 10.29 -4.04 -1.04
N ALA A 284 9.24 -4.14 -1.83
CA ALA A 284 9.32 -4.76 -3.16
C ALA A 284 10.21 -3.98 -4.14
N CYS A 285 10.16 -2.65 -4.09
CA CYS A 285 11.05 -1.76 -4.84
C CYS A 285 12.52 -2.10 -4.55
N GLU A 286 12.88 -2.20 -3.27
CA GLU A 286 14.24 -2.54 -2.86
C GLU A 286 14.71 -3.90 -3.40
N GLU A 287 13.83 -4.89 -3.35
CA GLU A 287 14.18 -6.23 -3.79
C GLU A 287 14.27 -6.28 -5.31
N LEU A 288 13.50 -5.45 -6.01
CA LEU A 288 13.62 -5.29 -7.46
C LEU A 288 14.90 -4.52 -7.83
N LEU A 289 15.32 -3.60 -6.98
CA LEU A 289 16.57 -2.87 -7.20
C LEU A 289 17.78 -3.80 -7.04
N ARG A 290 17.66 -4.84 -6.22
CA ARG A 290 18.72 -5.83 -6.07
C ARG A 290 18.77 -6.77 -7.28
N ARG A 291 17.62 -7.37 -7.59
CA ARG A 291 17.55 -8.36 -8.65
C ARG A 291 17.79 -7.79 -10.06
N PHE A 292 17.33 -6.56 -10.32
CA PHE A 292 17.43 -5.96 -11.65
C PHE A 292 18.32 -4.73 -11.63
N SER A 293 19.29 -4.77 -10.74
CA SER A 293 20.43 -3.85 -10.75
C SER A 293 20.99 -3.81 -12.16
N LEU A 294 21.50 -2.65 -12.55
CA LEU A 294 21.75 -2.40 -13.96
C LEU A 294 22.95 -1.50 -14.30
N VAL A 295 23.70 -1.05 -13.31
CA VAL A 295 24.82 -0.14 -13.53
C VAL A 295 26.13 -0.87 -13.29
N ALA A 296 27.13 -0.56 -14.11
CA ALA A 296 28.47 -1.12 -13.94
C ALA A 296 29.49 -0.10 -14.41
N ASP A 297 30.04 0.68 -13.47
CA ASP A 297 31.16 1.51 -13.83
C ASP A 297 32.38 1.06 -13.04
N GLY A 298 33.37 1.93 -12.88
CA GLY A 298 34.60 1.50 -12.25
C GLY A 298 35.55 2.58 -11.83
N ARG A 299 36.81 2.18 -11.72
CA ARG A 299 37.85 3.02 -11.16
C ARG A 299 39.17 2.74 -11.89
N ILE A 300 40.17 3.57 -11.64
CA ILE A 300 41.53 3.38 -12.18
C ILE A 300 42.53 3.30 -11.00
N LEU A 301 43.54 2.44 -11.11
CA LEU A 301 44.57 2.35 -10.06
C LEU A 301 45.50 3.57 -10.01
N THR A 302 45.60 4.21 -8.84
CA THR A 302 46.50 5.35 -8.65
C THR A 302 47.96 4.89 -8.47
N SER A 303 48.16 3.60 -8.20
CA SER A 303 49.49 3.04 -7.99
C SER A 303 49.44 1.51 -8.08
N ASP A 304 50.64 0.91 -8.15
CA ASP A 304 50.77 -0.54 -8.04
C ASP A 304 50.16 -0.96 -6.73
N TYR A 305 49.42 -2.07 -6.72
CA TYR A 305 48.71 -2.46 -5.51
C TYR A 305 48.29 -3.91 -5.56
N GLU A 306 48.62 -4.65 -4.52
CA GLU A 306 48.24 -6.04 -4.43
C GLU A 306 46.87 -6.13 -3.74
N PHE A 307 45.90 -6.69 -4.45
CA PHE A 307 44.51 -6.70 -4.02
C PHE A 307 43.99 -8.12 -4.09
N HIS A 308 43.79 -8.73 -2.92
CA HIS A 308 43.25 -10.09 -2.84
C HIS A 308 44.04 -11.10 -3.68
N GLY A 309 45.37 -11.01 -3.59
CA GLY A 309 46.27 -11.98 -4.18
C GLY A 309 46.68 -11.68 -5.61
N VAL A 310 46.34 -10.48 -6.11
CA VAL A 310 46.51 -10.15 -7.53
C VAL A 310 47.21 -8.81 -7.68
N GLN A 311 48.34 -8.80 -8.38
CA GLN A 311 49.10 -7.56 -8.56
C GLN A 311 48.44 -6.70 -9.63
N LEU A 312 48.03 -5.49 -9.24
CA LEU A 312 47.47 -4.50 -10.17
C LEU A 312 48.52 -3.43 -10.42
N LYS A 313 48.62 -2.96 -11.66
CA LYS A 313 49.57 -1.91 -12.01
C LYS A 313 48.91 -0.53 -12.08
N LYS A 314 49.63 0.49 -11.64
CA LYS A 314 49.25 1.88 -11.82
C LYS A 314 48.72 2.12 -13.23
N GLY A 315 47.54 2.74 -13.32
CA GLY A 315 46.93 3.06 -14.58
C GLY A 315 45.93 2.02 -15.08
N ASP A 316 45.96 0.81 -14.52
CA ASP A 316 45.02 -0.26 -14.89
C ASP A 316 43.60 0.20 -14.57
N GLN A 317 42.64 -0.24 -15.37
CA GLN A 317 41.24 0.04 -15.10
C GLN A 317 40.60 -1.20 -14.54
N ILE A 318 39.65 -1.00 -13.62
CA ILE A 318 38.90 -2.09 -13.01
C ILE A 318 37.40 -1.76 -12.99
N LEU A 319 36.61 -2.63 -13.61
CA LEU A 319 35.16 -2.57 -13.56
C LEU A 319 34.74 -3.17 -12.24
N LEU A 320 33.88 -2.45 -11.54
CA LEU A 320 33.41 -2.81 -10.21
C LEU A 320 31.89 -2.77 -10.34
N PRO A 321 31.31 -3.84 -10.88
CA PRO A 321 29.90 -3.82 -11.29
C PRO A 321 28.94 -3.78 -10.11
N GLN A 322 28.41 -2.59 -9.86
CA GLN A 322 27.40 -2.36 -8.82
C GLN A 322 26.29 -3.41 -8.89
N MET A 323 25.96 -3.78 -10.12
CA MET A 323 25.00 -4.83 -10.48
C MET A 323 25.25 -6.21 -9.83
N LEU A 324 26.53 -6.57 -9.73
CA LEU A 324 26.93 -7.90 -9.27
C LEU A 324 26.81 -8.15 -7.77
N SER A 325 26.98 -7.11 -6.95
CA SER A 325 27.04 -7.29 -5.48
C SER A 325 25.81 -7.99 -4.91
N GLY A 326 24.62 -7.57 -5.32
CA GLY A 326 23.38 -8.14 -4.83
C GLY A 326 22.99 -9.44 -5.52
N LEU A 327 23.61 -9.74 -6.65
CA LEU A 327 23.42 -11.03 -7.33
C LEU A 327 24.38 -12.10 -6.79
N ASP A 328 25.30 -11.68 -5.92
CA ASP A 328 26.31 -12.56 -5.31
C ASP A 328 25.64 -13.49 -4.29
N GLU A 329 25.66 -14.80 -4.56
CA GLU A 329 25.16 -15.81 -3.61
C GLU A 329 25.72 -15.66 -2.20
N ARG A 330 26.96 -15.19 -2.11
CA ARG A 330 27.60 -14.96 -0.81
C ARG A 330 27.00 -13.78 -0.04
N GLU A 331 26.27 -12.89 -0.72
CA GLU A 331 25.57 -11.77 -0.08
C GLU A 331 24.08 -12.03 0.13
N ASN A 332 23.46 -12.74 -0.82
CA ASN A 332 22.03 -13.03 -0.78
C ASN A 332 21.74 -14.47 -1.22
N ALA A 333 21.21 -15.28 -0.31
CA ALA A 333 20.86 -16.66 -0.65
C ALA A 333 19.85 -16.68 -1.80
N CYS A 334 20.00 -17.64 -2.71
CA CYS A 334 19.15 -17.76 -3.90
C CYS A 334 18.93 -16.41 -4.63
N PRO A 335 20.02 -15.82 -5.13
CA PRO A 335 20.00 -14.43 -5.60
C PRO A 335 19.16 -14.14 -6.84
N MET A 336 18.90 -15.14 -7.68
CA MET A 336 18.07 -14.90 -8.86
C MET A 336 16.56 -14.99 -8.55
N HIS A 337 16.23 -15.43 -7.35
CA HIS A 337 14.85 -15.47 -6.88
C HIS A 337 14.45 -14.10 -6.29
N VAL A 338 13.30 -13.59 -6.69
CA VAL A 338 12.74 -12.34 -6.14
C VAL A 338 11.82 -12.67 -4.97
N ASP A 339 12.21 -12.22 -3.78
CA ASP A 339 11.44 -12.42 -2.58
C ASP A 339 11.18 -11.07 -1.92
N PHE A 340 9.93 -10.58 -2.02
CA PHE A 340 9.55 -9.32 -1.37
C PHE A 340 9.64 -9.33 0.16
N SER A 341 9.63 -10.52 0.76
CA SER A 341 9.85 -10.71 2.20
C SER A 341 11.32 -11.00 2.56
N ARG A 342 12.23 -10.85 1.60
CA ARG A 342 13.65 -11.09 1.84
C ARG A 342 14.11 -10.27 3.04
N GLN A 343 14.70 -10.95 4.02
CA GLN A 343 14.94 -10.35 5.34
C GLN A 343 16.03 -9.28 5.30
N LYS A 344 17.17 -9.61 4.68
CA LYS A 344 18.27 -8.67 4.51
C LYS A 344 18.58 -8.55 3.02
N VAL A 345 18.01 -7.53 2.37
CA VAL A 345 18.25 -7.25 0.97
C VAL A 345 19.56 -6.49 0.89
N SER A 346 20.60 -7.15 0.41
CA SER A 346 21.92 -6.53 0.35
C SER A 346 22.23 -6.23 -1.12
N HIS A 347 22.56 -4.98 -1.44
CA HIS A 347 22.93 -4.58 -2.81
C HIS A 347 23.85 -3.38 -2.82
N THR A 348 24.45 -3.11 -3.97
CA THR A 348 25.15 -1.85 -4.25
C THR A 348 24.58 -1.19 -5.50
N THR A 349 23.27 -1.30 -5.69
CA THR A 349 22.61 -0.79 -6.90
C THR A 349 22.83 0.71 -7.14
N PHE A 350 22.79 1.46 -6.05
CA PHE A 350 23.02 2.91 -6.05
C PHE A 350 24.48 3.22 -5.70
N GLY A 351 25.36 2.27 -5.98
CA GLY A 351 26.76 2.46 -5.68
C GLY A 351 27.12 2.25 -4.23
N HIS A 352 28.32 2.68 -3.89
CA HIS A 352 28.91 2.38 -2.60
C HIS A 352 30.05 3.35 -2.37
N GLY A 353 30.27 3.72 -1.12
CA GLY A 353 31.35 4.63 -0.78
C GLY A 353 30.90 6.08 -0.87
N SER A 354 31.87 6.95 -1.15
CA SER A 354 31.65 8.38 -1.18
C SER A 354 30.83 8.87 -2.40
N HIS A 355 30.67 8.05 -3.44
CA HIS A 355 29.88 8.46 -4.63
C HIS A 355 28.45 7.90 -4.63
N LEU A 356 27.97 7.41 -3.48
CA LEU A 356 26.58 6.92 -3.37
C LEU A 356 25.61 7.83 -4.14
N CYS A 357 24.74 7.21 -4.91
CA CYS A 357 23.81 7.91 -5.81
C CYS A 357 23.08 9.01 -5.10
N LEU A 358 23.14 10.21 -5.68
CA LEU A 358 22.43 11.36 -5.10
C LEU A 358 20.95 11.39 -5.54
N GLY A 359 20.64 10.72 -6.64
CA GLY A 359 19.28 10.71 -7.16
C GLY A 359 18.44 9.55 -6.67
N GLN A 360 18.92 8.83 -5.68
CA GLN A 360 18.28 7.57 -5.28
C GLN A 360 16.90 7.78 -4.68
N HIS A 361 16.69 8.91 -4.00
CA HIS A 361 15.40 9.23 -3.38
C HIS A 361 14.36 9.58 -4.48
N LEU A 362 14.79 10.31 -5.50
CA LEU A 362 13.95 10.53 -6.65
C LEU A 362 13.63 9.19 -7.37
N ALA A 363 14.64 8.35 -7.56
CA ALA A 363 14.43 7.08 -8.27
C ALA A 363 13.44 6.19 -7.53
N ARG A 364 13.62 6.04 -6.22
CA ARG A 364 12.73 5.23 -5.40
C ARG A 364 11.34 5.76 -5.47
N ARG A 365 11.19 7.07 -5.41
CA ARG A 365 9.86 7.65 -5.48
C ARG A 365 9.19 7.31 -6.80
N GLU A 366 9.91 7.45 -7.91
CA GLU A 366 9.33 7.19 -9.23
C GLU A 366 8.96 5.70 -9.34
N ILE A 367 9.78 4.82 -8.78
CA ILE A 367 9.53 3.39 -8.84
C ILE A 367 8.28 3.01 -8.01
N ILE A 368 8.25 3.54 -6.80
CA ILE A 368 7.15 3.27 -5.89
C ILE A 368 5.82 3.84 -6.43
N VAL A 369 5.84 5.07 -6.93
CA VAL A 369 4.67 5.68 -7.52
C VAL A 369 4.18 4.86 -8.75
N THR A 370 5.10 4.43 -9.60
CA THR A 370 4.77 3.60 -10.75
C THR A 370 4.07 2.29 -10.34
N LEU A 371 4.66 1.55 -9.42
CA LEU A 371 4.10 0.29 -8.96
C LEU A 371 2.72 0.45 -8.35
N LYS A 372 2.56 1.45 -7.49
CA LYS A 372 1.28 1.67 -6.84
C LYS A 372 0.22 2.06 -7.85
N GLU A 373 0.56 3.00 -8.75
CA GLU A 373 -0.44 3.55 -9.65
C GLU A 373 -0.73 2.61 -10.81
N TRP A 374 0.27 1.85 -11.27
CA TRP A 374 0.02 0.87 -12.31
C TRP A 374 -0.85 -0.28 -11.78
N LEU A 375 -0.53 -0.81 -10.61
CA LEU A 375 -1.25 -1.99 -10.08
C LEU A 375 -2.69 -1.70 -9.61
N THR A 376 -2.94 -0.46 -9.22
CA THR A 376 -4.29 0.04 -8.92
C THR A 376 -5.21 0.06 -10.14
N ARG A 377 -4.67 0.47 -11.29
CA ARG A 377 -5.47 0.69 -12.49
C ARG A 377 -5.42 -0.47 -13.47
N ILE A 378 -4.25 -1.10 -13.57
CA ILE A 378 -4.00 -2.23 -14.47
C ILE A 378 -3.37 -3.36 -13.65
N PRO A 379 -4.16 -3.99 -12.78
CA PRO A 379 -3.66 -5.00 -11.85
C PRO A 379 -3.15 -6.30 -12.53
N ASP A 380 -3.75 -6.62 -13.67
CA ASP A 380 -3.42 -7.82 -14.42
C ASP A 380 -2.98 -7.50 -15.84
N PHE A 381 -1.77 -7.95 -16.18
CA PHE A 381 -1.17 -7.72 -17.48
C PHE A 381 -0.13 -8.79 -17.76
N SER A 382 0.19 -8.95 -19.03
CA SER A 382 1.14 -9.96 -19.48
C SER A 382 1.99 -9.45 -20.63
N ILE A 383 3.13 -10.10 -20.84
CA ILE A 383 3.90 -9.90 -22.06
C ILE A 383 3.04 -10.35 -23.24
N ALA A 384 3.07 -9.58 -24.33
CA ALA A 384 2.26 -9.86 -25.49
C ALA A 384 2.66 -11.23 -26.05
N PRO A 385 1.66 -11.99 -26.51
CA PRO A 385 1.89 -13.33 -27.06
C PRO A 385 2.99 -13.34 -28.10
N GLY A 386 3.98 -14.22 -27.94
CA GLY A 386 5.01 -14.40 -28.95
C GLY A 386 6.26 -13.57 -28.76
N ALA A 387 6.17 -12.49 -27.98
CA ALA A 387 7.31 -11.59 -27.78
C ALA A 387 8.43 -12.27 -26.99
N GLN A 388 9.66 -12.14 -27.48
CA GLN A 388 10.84 -12.48 -26.70
C GLN A 388 11.51 -11.15 -26.38
N ILE A 389 11.64 -10.85 -25.10
CA ILE A 389 12.18 -9.55 -24.66
C ILE A 389 13.69 -9.61 -24.80
N GLN A 390 14.29 -8.59 -25.43
CA GLN A 390 15.73 -8.51 -25.60
C GLN A 390 16.30 -7.40 -24.71
N HIS A 391 17.39 -7.71 -24.03
CA HIS A 391 18.09 -6.73 -23.21
C HIS A 391 19.32 -6.20 -23.94
N LYS A 392 19.88 -5.13 -23.41
CA LYS A 392 21.10 -4.53 -23.93
C LYS A 392 22.00 -4.21 -22.74
N SER A 393 23.31 -4.32 -22.95
CA SER A 393 24.29 -4.17 -21.92
C SER A 393 25.22 -3.01 -22.21
N GLY A 394 25.79 -2.46 -21.15
CA GLY A 394 26.67 -1.31 -21.24
C GLY A 394 26.94 -0.76 -19.84
N ILE A 395 27.22 0.53 -19.74
CA ILE A 395 27.45 1.16 -18.42
C ILE A 395 26.15 1.12 -17.61
N VAL A 396 25.04 1.37 -18.30
CA VAL A 396 23.72 1.15 -17.78
C VAL A 396 23.06 0.15 -18.73
N SER A 397 22.64 -1.00 -18.21
CA SER A 397 21.94 -1.98 -19.02
C SER A 397 20.44 -1.61 -19.17
N GLY A 398 19.78 -2.18 -20.16
CA GLY A 398 18.44 -1.78 -20.51
C GLY A 398 17.61 -2.86 -21.20
N VAL A 399 16.38 -2.50 -21.48
CA VAL A 399 15.43 -3.37 -22.19
C VAL A 399 15.14 -2.68 -23.51
N GLN A 400 15.29 -3.40 -24.60
CA GLN A 400 15.08 -2.87 -25.94
C GLN A 400 13.61 -2.49 -26.17
N ALA A 401 12.70 -3.35 -25.75
CA ALA A 401 11.26 -3.13 -25.94
C ALA A 401 10.46 -4.08 -25.06
N LEU A 402 9.27 -3.66 -24.67
CA LEU A 402 8.45 -4.40 -23.73
C LEU A 402 6.98 -4.29 -24.09
N PRO A 403 6.51 -5.07 -25.06
CA PRO A 403 5.09 -5.07 -25.43
C PRO A 403 4.29 -5.78 -24.35
N LEU A 404 3.33 -5.06 -23.76
CA LEU A 404 2.42 -5.61 -22.78
C LEU A 404 1.00 -5.66 -23.31
N VAL A 405 0.23 -6.61 -22.79
CA VAL A 405 -1.21 -6.68 -23.05
C VAL A 405 -2.00 -6.92 -21.76
N TRP A 406 -3.24 -6.48 -21.78
CA TRP A 406 -4.18 -6.79 -20.72
C TRP A 406 -5.60 -6.74 -21.26
N ASP A 407 -6.53 -7.30 -20.50
CA ASP A 407 -7.95 -7.14 -20.77
C ASP A 407 -8.47 -5.87 -20.09
N PRO A 408 -8.94 -4.87 -20.84
CA PRO A 408 -9.47 -3.63 -20.24
C PRO A 408 -10.62 -3.84 -19.24
N ALA A 409 -11.36 -4.94 -19.41
CA ALA A 409 -12.47 -5.27 -18.55
C ALA A 409 -12.02 -5.50 -17.11
N THR A 410 -10.75 -5.90 -16.95
CA THR A 410 -10.16 -6.11 -15.62
C THR A 410 -9.54 -4.86 -15.00
N THR A 411 -9.60 -3.72 -15.67
CA THR A 411 -8.93 -2.52 -15.16
C THR A 411 -9.92 -1.67 -14.34
N LYS A 412 -9.43 -0.60 -13.71
CA LYS A 412 -10.36 0.37 -13.15
C LYS A 412 -9.82 1.78 -13.22
N ALA A 413 -10.68 2.68 -13.71
CA ALA A 413 -10.39 4.11 -13.66
C ALA A 413 -10.55 4.56 -12.20
N VAL A 414 -9.62 5.39 -11.73
CA VAL A 414 -9.61 5.82 -10.33
C VAL A 414 -9.98 7.31 -10.19
N ASN B 10 -41.60 10.15 -0.53
CA ASN B 10 -41.05 8.82 -0.10
C ASN B 10 -41.55 8.42 1.30
N LEU B 11 -42.65 9.05 1.71
CA LEU B 11 -43.34 8.75 2.96
C LEU B 11 -44.45 7.76 2.65
N ALA B 12 -44.42 6.58 3.27
CA ALA B 12 -45.52 5.62 3.13
C ALA B 12 -46.77 6.14 3.84
N PRO B 13 -47.96 5.88 3.32
CA PRO B 13 -49.19 6.35 3.98
C PRO B 13 -49.30 5.74 5.39
N LEU B 14 -49.66 6.56 6.36
CA LEU B 14 -49.74 6.14 7.74
C LEU B 14 -50.80 5.05 7.93
N PRO B 15 -50.42 3.86 8.40
CA PRO B 15 -51.44 2.81 8.59
C PRO B 15 -52.53 3.27 9.57
N PRO B 16 -53.76 2.79 9.39
CA PRO B 16 -54.88 3.10 10.30
C PRO B 16 -54.55 2.94 11.78
N HIS B 17 -53.80 1.90 12.16
CA HIS B 17 -53.56 1.61 13.56
C HIS B 17 -52.51 2.48 14.28
N VAL B 18 -51.67 3.16 13.51
CA VAL B 18 -50.58 3.95 14.10
C VAL B 18 -51.06 5.38 14.45
N PRO B 19 -50.98 5.80 15.70
CA PRO B 19 -51.44 7.14 16.07
C PRO B 19 -50.61 8.23 15.41
N GLU B 20 -51.31 9.29 15.05
CA GLU B 20 -50.74 10.41 14.30
C GLU B 20 -49.72 11.15 15.14
N HIS B 21 -49.95 11.21 16.44
CA HIS B 21 -49.03 11.90 17.35
C HIS B 21 -47.69 11.18 17.58
N LEU B 22 -47.60 9.92 17.18
CA LEU B 22 -46.36 9.17 17.32
C LEU B 22 -45.50 9.19 16.06
N VAL B 23 -45.95 9.88 15.00
CA VAL B 23 -45.19 9.96 13.76
C VAL B 23 -43.96 10.88 13.94
N PHE B 24 -42.80 10.34 13.59
CA PHE B 24 -41.51 11.04 13.58
C PHE B 24 -40.75 10.44 12.40
N ASP B 25 -40.67 11.17 11.27
CA ASP B 25 -40.14 10.59 10.04
C ASP B 25 -38.61 10.54 9.94
N PHE B 26 -38.02 9.69 10.75
CA PHE B 26 -36.59 9.44 10.74
C PHE B 26 -36.27 8.48 9.62
N ASP B 27 -35.20 8.79 8.87
CA ASP B 27 -34.70 7.96 7.77
C ASP B 27 -33.36 7.36 8.18
N MET B 28 -33.35 6.07 8.47
CA MET B 28 -32.17 5.41 9.01
C MET B 28 -31.00 5.34 8.03
N TYR B 29 -31.27 5.45 6.74
CA TYR B 29 -30.20 5.45 5.76
C TYR B 29 -29.74 6.86 5.35
N ASN B 30 -30.41 7.89 5.83
CA ASN B 30 -30.03 9.26 5.50
C ASN B 30 -30.62 10.21 6.51
N PRO B 31 -30.20 10.16 7.76
CA PRO B 31 -30.82 10.96 8.81
C PRO B 31 -30.52 12.45 8.65
N SER B 32 -31.51 13.29 9.02
CA SER B 32 -31.44 14.74 8.84
C SER B 32 -30.18 15.41 9.35
N ASN B 33 -29.73 15.03 10.53
CA ASN B 33 -28.68 15.76 11.22
C ASN B 33 -27.30 15.10 10.99
N LEU B 34 -27.15 14.38 9.88
CA LEU B 34 -25.97 13.55 9.62
C LEU B 34 -24.64 14.28 9.66
N SER B 35 -24.65 15.54 9.24
CA SER B 35 -23.42 16.35 9.19
C SER B 35 -22.87 16.69 10.57
N ALA B 36 -23.66 16.54 11.63
CA ALA B 36 -23.13 16.71 12.98
C ALA B 36 -22.52 15.42 13.54
N GLY B 37 -22.58 14.34 12.76
CA GLY B 37 -22.10 13.03 13.21
C GLY B 37 -23.25 12.02 13.23
N VAL B 38 -22.96 10.78 12.88
CA VAL B 38 -24.07 9.81 12.74
C VAL B 38 -24.69 9.50 14.11
N GLN B 39 -23.88 9.38 15.16
CA GLN B 39 -24.44 9.12 16.49
C GLN B 39 -25.30 10.31 16.94
N GLU B 40 -24.84 11.51 16.64
CA GLU B 40 -25.58 12.73 16.94
C GLU B 40 -26.86 12.79 16.14
N ALA B 41 -26.81 12.32 14.90
CA ALA B 41 -28.00 12.33 14.06
C ALA B 41 -29.07 11.36 14.61
N TRP B 42 -28.64 10.20 15.10
CA TRP B 42 -29.59 9.23 15.64
C TRP B 42 -30.13 9.72 16.98
N ALA B 43 -29.32 10.46 17.73
CA ALA B 43 -29.73 10.95 19.05
C ALA B 43 -30.83 12.03 19.00
N VAL B 44 -31.17 12.55 17.83
CA VAL B 44 -32.34 13.43 17.73
C VAL B 44 -33.62 12.70 18.14
N LEU B 45 -33.60 11.37 18.05
CA LEU B 45 -34.71 10.51 18.52
C LEU B 45 -34.88 10.55 20.03
N GLN B 46 -33.88 11.08 20.73
CA GLN B 46 -33.91 11.23 22.18
C GLN B 46 -34.05 12.70 22.67
N GLU B 47 -34.33 13.62 21.76
CA GLU B 47 -34.62 15.02 22.14
C GLU B 47 -35.92 15.09 22.93
N SER B 48 -36.10 16.17 23.70
CA SER B 48 -37.07 16.18 24.83
C SER B 48 -38.53 15.81 24.52
N ASN B 49 -39.05 16.23 23.37
CA ASN B 49 -40.44 15.98 23.05
C ASN B 49 -40.68 14.70 22.20
N VAL B 50 -39.67 13.84 22.09
CA VAL B 50 -39.78 12.63 21.28
C VAL B 50 -40.18 11.45 22.17
N PRO B 51 -41.30 10.80 21.88
CA PRO B 51 -41.75 9.67 22.70
C PRO B 51 -40.78 8.49 22.70
N ASP B 52 -41.05 7.52 23.56
CA ASP B 52 -40.18 6.35 23.72
C ASP B 52 -40.26 5.46 22.48
N LEU B 53 -41.43 5.47 21.86
CA LEU B 53 -41.73 4.64 20.70
C LEU B 53 -42.41 5.52 19.67
N VAL B 54 -41.83 5.61 18.46
CA VAL B 54 -42.34 6.42 17.36
C VAL B 54 -42.48 5.58 16.09
N TRP B 55 -43.29 6.07 15.16
CA TRP B 55 -43.42 5.49 13.85
C TRP B 55 -42.81 6.41 12.82
N THR B 56 -41.94 5.90 11.97
CA THR B 56 -41.49 6.66 10.82
C THR B 56 -42.17 6.15 9.58
N ARG B 57 -42.51 7.08 8.70
CA ARG B 57 -43.08 6.74 7.41
C ARG B 57 -42.03 6.53 6.34
N CYS B 58 -40.76 6.71 6.68
CA CYS B 58 -39.69 6.41 5.75
C CYS B 58 -39.46 4.91 5.62
N ASN B 59 -38.84 4.51 4.51
CA ASN B 59 -38.40 3.14 4.30
C ASN B 59 -39.50 2.09 4.46
N GLY B 60 -40.67 2.44 3.95
CA GLY B 60 -41.82 1.59 3.98
C GLY B 60 -42.73 1.73 5.19
N GLY B 61 -42.28 2.44 6.24
CA GLY B 61 -43.01 2.57 7.48
C GLY B 61 -42.59 1.53 8.52
N HIS B 62 -42.18 2.00 9.70
CA HIS B 62 -41.80 1.13 10.81
C HIS B 62 -41.71 1.86 12.13
N TRP B 63 -41.78 1.10 13.21
CA TRP B 63 -41.63 1.64 14.55
C TRP B 63 -40.16 1.82 14.82
N ILE B 64 -39.83 2.69 15.75
CA ILE B 64 -38.49 2.79 16.26
C ILE B 64 -38.62 2.92 17.77
N ALA B 65 -37.95 2.06 18.51
CA ALA B 65 -37.78 2.27 19.95
C ALA B 65 -36.61 3.21 20.17
N THR B 66 -36.82 4.26 20.95
CA THR B 66 -35.81 5.34 21.06
C THR B 66 -34.96 5.33 22.35
N ARG B 67 -35.32 4.46 23.30
CA ARG B 67 -34.74 4.46 24.63
C ARG B 67 -34.29 3.08 25.02
N GLY B 68 -33.15 3.03 25.72
CA GLY B 68 -32.52 1.77 26.06
C GLY B 68 -33.43 0.82 26.81
N GLN B 69 -34.33 1.32 27.65
CA GLN B 69 -35.30 0.47 28.35
C GLN B 69 -36.16 -0.37 27.40
N LEU B 70 -36.73 0.29 26.39
CA LEU B 70 -37.59 -0.41 25.42
C LEU B 70 -36.80 -1.33 24.48
N ILE B 71 -35.62 -0.87 24.08
CA ILE B 71 -34.74 -1.61 23.18
C ILE B 71 -34.36 -2.94 23.82
N ARG B 72 -33.93 -2.87 25.07
CA ARG B 72 -33.58 -4.05 25.88
C ARG B 72 -34.75 -5.01 26.05
N GLU B 73 -35.90 -4.48 26.46
CA GLU B 73 -37.08 -5.32 26.67
C GLU B 73 -37.46 -6.09 25.41
N ALA B 74 -37.43 -5.38 24.28
CA ALA B 74 -37.84 -5.95 23.00
C ALA B 74 -36.85 -7.01 22.52
N TYR B 75 -35.56 -6.81 22.74
CA TYR B 75 -34.58 -7.83 22.39
C TYR B 75 -34.68 -9.08 23.27
N GLU B 76 -35.18 -8.93 24.50
CA GLU B 76 -35.36 -10.06 25.43
C GLU B 76 -36.60 -10.90 25.05
N ASP B 77 -37.62 -10.25 24.51
CA ASP B 77 -38.91 -10.86 24.24
C ASP B 77 -39.01 -11.38 22.80
N TYR B 78 -38.31 -12.47 22.53
CA TYR B 78 -38.31 -13.04 21.18
C TYR B 78 -39.64 -13.67 20.76
N ARG B 79 -40.55 -13.90 21.69
CA ARG B 79 -41.88 -14.44 21.34
C ARG B 79 -42.74 -13.42 20.63
N HIS B 80 -42.62 -12.15 21.01
CA HIS B 80 -43.31 -11.06 20.32
C HIS B 80 -42.49 -10.39 19.22
N PHE B 81 -41.19 -10.26 19.42
CA PHE B 81 -40.27 -9.55 18.54
C PHE B 81 -39.28 -10.51 17.88
N SER B 82 -39.65 -11.00 16.70
CA SER B 82 -38.93 -12.07 16.03
C SER B 82 -37.80 -11.54 15.15
N SER B 83 -36.74 -12.34 15.10
CA SER B 83 -35.58 -12.11 14.25
C SER B 83 -35.77 -12.52 12.81
N GLU B 84 -36.93 -13.08 12.47
CA GLU B 84 -37.12 -13.62 11.14
C GLU B 84 -36.97 -12.56 10.06
N CYS B 85 -37.37 -11.32 10.35
CA CYS B 85 -37.26 -10.20 9.42
C CYS B 85 -36.61 -9.03 10.13
N PRO B 86 -35.28 -9.05 10.25
CA PRO B 86 -34.57 -8.15 11.14
C PRO B 86 -34.05 -6.86 10.51
N PHE B 87 -34.15 -6.72 9.20
CA PHE B 87 -33.66 -5.52 8.50
C PHE B 87 -34.82 -4.71 7.93
N ILE B 88 -34.65 -3.38 7.94
CA ILE B 88 -35.51 -2.43 7.22
C ILE B 88 -34.71 -2.09 5.95
N PRO B 89 -35.34 -1.97 4.77
CA PRO B 89 -36.79 -2.09 4.56
C PRO B 89 -37.27 -3.55 4.53
N ARG B 90 -38.59 -3.73 4.45
CA ARG B 90 -39.22 -5.05 4.53
C ARG B 90 -38.66 -6.05 3.53
N GLU B 91 -38.37 -5.60 2.31
CA GLU B 91 -37.83 -6.49 1.27
C GLU B 91 -36.49 -7.06 1.69
N ALA B 92 -35.66 -6.24 2.34
CA ALA B 92 -34.39 -6.70 2.87
C ALA B 92 -34.61 -7.73 3.98
N GLY B 93 -35.47 -7.40 4.94
CA GLY B 93 -35.76 -8.31 6.05
C GLY B 93 -36.33 -9.65 5.59
N GLU B 94 -37.15 -9.61 4.54
CA GLU B 94 -37.77 -10.81 4.00
C GLU B 94 -36.72 -11.70 3.35
N ALA B 95 -35.77 -11.10 2.65
CA ALA B 95 -34.72 -11.86 1.98
C ALA B 95 -33.71 -12.37 2.98
N TYR B 96 -33.63 -11.69 4.12
CA TYR B 96 -32.61 -11.97 5.12
C TYR B 96 -32.82 -13.36 5.69
N ASP B 97 -31.86 -14.27 5.51
CA ASP B 97 -31.99 -15.63 5.99
C ASP B 97 -30.70 -16.16 6.61
N PHE B 98 -29.81 -15.27 7.01
CA PHE B 98 -28.55 -15.71 7.61
C PHE B 98 -28.82 -16.49 8.91
N ILE B 99 -27.88 -17.37 9.25
CA ILE B 99 -27.98 -18.18 10.44
C ILE B 99 -26.78 -17.82 11.28
N PRO B 100 -26.96 -17.61 12.58
CA PRO B 100 -28.21 -17.84 13.33
C PRO B 100 -29.17 -16.65 13.51
N THR B 101 -28.83 -15.51 12.94
CA THR B 101 -29.53 -14.29 13.23
C THR B 101 -31.00 -14.26 12.80
N SER B 102 -31.36 -14.91 11.69
CA SER B 102 -32.76 -14.93 11.23
C SER B 102 -33.66 -15.92 11.96
N MET B 103 -33.12 -16.64 12.95
CA MET B 103 -33.85 -17.61 13.77
C MET B 103 -34.05 -17.13 15.20
N ASP B 104 -35.22 -17.39 15.74
CA ASP B 104 -35.46 -17.24 17.18
C ASP B 104 -35.14 -18.52 17.94
N PRO B 105 -34.91 -18.41 19.23
CA PRO B 105 -34.93 -19.58 20.11
C PRO B 105 -36.31 -20.21 20.00
N PRO B 106 -36.46 -21.53 20.17
CA PRO B 106 -35.38 -22.48 20.47
C PRO B 106 -34.48 -22.94 19.32
N GLU B 107 -34.94 -22.83 18.07
CA GLU B 107 -34.22 -23.36 16.91
C GLU B 107 -32.86 -22.67 16.66
N GLN B 108 -32.75 -21.41 17.05
CA GLN B 108 -31.52 -20.65 16.89
C GLN B 108 -30.31 -21.29 17.55
N ARG B 109 -30.53 -21.93 18.69
CA ARG B 109 -29.44 -22.16 19.62
C ARG B 109 -28.41 -23.16 19.12
N GLN B 110 -28.86 -24.23 18.45
CA GLN B 110 -27.95 -25.25 17.94
C GLN B 110 -26.95 -24.71 16.96
N PHE B 111 -27.38 -23.76 16.14
CA PHE B 111 -26.51 -23.11 15.17
C PHE B 111 -25.56 -22.10 15.82
N ARG B 112 -26.08 -21.41 16.81
CA ARG B 112 -25.30 -20.41 17.51
C ARG B 112 -24.08 -21.06 18.16
N ALA B 113 -24.25 -22.24 18.73
CA ALA B 113 -23.14 -22.95 19.36
C ALA B 113 -22.02 -23.27 18.38
N LEU B 114 -22.36 -23.75 17.19
CA LEU B 114 -21.34 -24.00 16.18
C LEU B 114 -20.61 -22.73 15.77
N ALA B 115 -21.35 -21.65 15.55
CA ALA B 115 -20.75 -20.39 15.15
C ALA B 115 -19.79 -19.89 16.22
N ASN B 116 -20.22 -20.00 17.48
CA ASN B 116 -19.42 -19.59 18.61
C ASN B 116 -18.09 -20.33 18.66
N GLN B 117 -18.06 -21.54 18.13
CA GLN B 117 -16.81 -22.31 18.04
C GLN B 117 -15.79 -21.77 17.03
N VAL B 118 -16.23 -21.08 15.96
CA VAL B 118 -15.25 -20.55 15.01
C VAL B 118 -14.79 -19.11 15.30
N VAL B 119 -15.55 -18.33 16.07
CA VAL B 119 -15.12 -16.95 16.38
C VAL B 119 -14.95 -16.63 17.87
N GLY B 120 -15.16 -17.62 18.73
CA GLY B 120 -15.20 -17.40 20.16
C GLY B 120 -13.83 -17.18 20.78
N MET B 121 -13.82 -16.93 22.08
CA MET B 121 -12.61 -16.55 22.81
C MET B 121 -11.40 -17.47 22.60
N PRO B 122 -11.58 -18.79 22.60
CA PRO B 122 -10.45 -19.70 22.37
C PRO B 122 -9.75 -19.48 21.02
N VAL B 123 -10.52 -19.14 19.99
CA VAL B 123 -9.98 -18.85 18.68
C VAL B 123 -9.25 -17.50 18.67
N VAL B 124 -9.77 -16.53 19.42
CA VAL B 124 -9.16 -15.21 19.56
C VAL B 124 -7.81 -15.29 20.29
N ASP B 125 -7.73 -16.18 21.27
CA ASP B 125 -6.45 -16.42 21.96
C ASP B 125 -5.41 -17.01 21.01
N LYS B 126 -5.85 -17.90 20.13
CA LYS B 126 -4.98 -18.46 19.07
C LYS B 126 -4.52 -17.39 18.08
N LEU B 127 -5.38 -16.44 17.77
CA LEU B 127 -5.09 -15.40 16.77
C LEU B 127 -4.26 -14.26 17.35
N GLU B 128 -4.12 -14.23 18.67
CA GLU B 128 -3.38 -13.21 19.41
C GLU B 128 -2.16 -12.63 18.70
N ASN B 129 -1.22 -13.49 18.34
CA ASN B 129 0.08 -13.01 17.85
C ASN B 129 0.01 -12.50 16.42
N ARG B 130 -0.85 -13.10 15.60
CA ARG B 130 -1.05 -12.63 14.22
C ARG B 130 -1.78 -11.28 14.21
N ILE B 131 -2.61 -11.02 15.22
CA ILE B 131 -3.30 -9.73 15.32
C ILE B 131 -2.30 -8.65 15.68
N GLN B 132 -1.46 -8.92 16.66
CA GLN B 132 -0.42 -7.96 17.10
C GLN B 132 0.54 -7.68 15.96
N GLU B 133 1.07 -8.74 15.36
CA GLU B 133 1.99 -8.62 14.24
C GLU B 133 1.43 -7.80 13.09
N LEU B 134 0.18 -8.05 12.71
CA LEU B 134 -0.42 -7.30 11.60
C LEU B 134 -0.57 -5.81 11.94
N ALA B 135 -1.04 -5.50 13.14
CA ALA B 135 -1.21 -4.11 13.56
C ALA B 135 0.10 -3.34 13.51
N CYS B 136 1.14 -3.95 14.06
CA CYS B 136 2.49 -3.36 14.11
C CYS B 136 3.06 -3.18 12.73
N SER B 137 2.96 -4.22 11.93
CA SER B 137 3.38 -4.19 10.54
C SER B 137 2.73 -3.02 9.79
N LEU B 138 1.41 -2.93 9.86
CA LEU B 138 0.68 -1.83 9.26
C LEU B 138 1.09 -0.43 9.77
N ILE B 139 1.25 -0.29 11.08
CA ILE B 139 1.45 1.02 11.69
C ILE B 139 2.88 1.48 11.43
N GLU B 140 3.81 0.54 11.52
CA GLU B 140 5.23 0.84 11.30
C GLU B 140 5.48 1.30 9.86
N SER B 141 4.78 0.70 8.89
CA SER B 141 4.91 1.12 7.51
C SER B 141 4.30 2.48 7.24
N LEU B 142 3.23 2.84 7.96
CA LEU B 142 2.66 4.19 7.82
C LEU B 142 3.48 5.25 8.54
N ARG B 143 4.17 4.82 9.59
CA ARG B 143 4.78 5.74 10.56
C ARG B 143 5.64 6.84 9.92
N PRO B 144 6.60 6.51 9.05
CA PRO B 144 7.48 7.55 8.47
C PRO B 144 6.77 8.47 7.46
N GLN B 145 5.65 8.02 6.91
CA GLN B 145 4.96 8.75 5.84
C GLN B 145 4.34 10.06 6.31
N GLY B 146 4.01 10.16 7.60
CA GLY B 146 3.42 11.37 8.15
C GLY B 146 1.99 11.62 7.72
N GLN B 147 1.35 10.63 7.11
CA GLN B 147 -0.03 10.78 6.65
C GLN B 147 -0.65 9.44 6.28
N CYS B 148 -1.98 9.39 6.31
CA CYS B 148 -2.71 8.26 5.81
C CYS B 148 -4.16 8.61 5.56
N ASN B 149 -4.80 7.75 4.78
CA ASN B 149 -6.24 7.71 4.66
C ASN B 149 -6.61 6.52 5.53
N PHE B 150 -6.96 6.82 6.77
CA PHE B 150 -7.09 5.79 7.79
C PHE B 150 -8.09 4.69 7.45
N THR B 151 -9.18 5.00 6.76
CA THR B 151 -10.16 3.98 6.41
C THR B 151 -9.53 2.91 5.51
N GLU B 152 -8.78 3.35 4.50
CA GLU B 152 -8.15 2.45 3.52
C GLU B 152 -6.87 1.78 3.99
N ASP B 153 -6.07 2.49 4.79
CA ASP B 153 -4.70 2.10 5.12
C ASP B 153 -4.58 1.32 6.44
N TYR B 154 -5.59 1.41 7.30
CA TYR B 154 -5.62 0.61 8.52
C TYR B 154 -6.99 -0.01 8.87
N ALA B 155 -8.05 0.80 8.93
CA ALA B 155 -9.35 0.32 9.39
C ALA B 155 -9.88 -0.85 8.54
N GLU B 156 -9.69 -0.79 7.23
CA GLU B 156 -10.10 -1.90 6.37
C GLU B 156 -9.13 -3.10 6.41
N PRO B 157 -7.86 -2.93 6.03
CA PRO B 157 -6.91 -4.04 6.01
C PRO B 157 -6.71 -4.79 7.33
N PHE B 158 -6.75 -4.12 8.48
CA PHE B 158 -6.43 -4.79 9.73
C PHE B 158 -7.48 -5.84 10.16
N PRO B 159 -8.73 -5.45 10.40
CA PRO B 159 -9.73 -6.46 10.76
C PRO B 159 -10.05 -7.39 9.58
N ILE B 160 -10.05 -6.89 8.36
CA ILE B 160 -10.46 -7.75 7.23
C ILE B 160 -9.45 -8.84 6.95
N ARG B 161 -8.17 -8.51 6.97
CA ARG B 161 -7.16 -9.51 6.73
C ARG B 161 -7.16 -10.58 7.83
N ILE B 162 -7.46 -10.18 9.07
CA ILE B 162 -7.56 -11.17 10.14
C ILE B 162 -8.72 -12.11 9.88
N PHE B 163 -9.88 -11.57 9.52
CA PHE B 163 -11.03 -12.40 9.19
C PHE B 163 -10.74 -13.33 8.02
N MET B 164 -10.12 -12.80 6.97
CA MET B 164 -9.81 -13.63 5.78
C MET B 164 -8.84 -14.74 6.12
N LEU B 165 -7.91 -14.48 7.04
CA LEU B 165 -7.00 -15.52 7.51
C LEU B 165 -7.77 -16.60 8.28
N LEU B 166 -8.66 -16.14 9.16
CA LEU B 166 -9.46 -17.05 9.94
C LEU B 166 -10.32 -17.94 9.05
N ALA B 167 -10.90 -17.36 8.00
CA ALA B 167 -11.78 -18.11 7.08
C ALA B 167 -11.05 -18.86 5.96
N GLY B 168 -9.73 -18.68 5.88
CA GLY B 168 -8.91 -19.29 4.85
C GLY B 168 -9.23 -18.84 3.43
N LEU B 169 -9.54 -17.55 3.26
CA LEU B 169 -9.88 -16.99 1.96
C LEU B 169 -8.79 -16.04 1.48
N PRO B 170 -8.53 -15.99 0.17
CA PRO B 170 -7.48 -15.12 -0.37
C PRO B 170 -7.81 -13.63 -0.25
N GLU B 171 -6.80 -12.84 0.11
CA GLU B 171 -6.99 -11.42 0.30
C GLU B 171 -7.41 -10.71 -0.97
N GLU B 172 -7.10 -11.28 -2.13
CA GLU B 172 -7.48 -10.64 -3.39
C GLU B 172 -9.00 -10.62 -3.58
N ASP B 173 -9.73 -11.37 -2.77
CA ASP B 173 -11.19 -11.41 -2.87
C ASP B 173 -11.86 -10.28 -2.06
N ILE B 174 -11.08 -9.53 -1.29
CA ILE B 174 -11.62 -8.53 -0.38
C ILE B 174 -12.45 -7.45 -1.08
N PRO B 175 -11.95 -6.84 -2.17
CA PRO B 175 -12.74 -5.78 -2.82
C PRO B 175 -14.14 -6.21 -3.20
N HIS B 176 -14.28 -7.41 -3.75
CA HIS B 176 -15.58 -7.95 -4.12
C HIS B 176 -16.48 -8.16 -2.90
N LEU B 177 -15.97 -8.84 -1.89
CA LEU B 177 -16.76 -9.19 -0.72
C LEU B 177 -17.15 -7.95 0.06
N LYS B 178 -16.21 -7.01 0.17
CA LYS B 178 -16.45 -5.77 0.90
C LYS B 178 -17.52 -4.95 0.21
N TYR B 179 -17.50 -4.92 -1.14
CA TYR B 179 -18.55 -4.25 -1.89
C TYR B 179 -19.90 -4.87 -1.57
N LEU B 180 -19.98 -6.20 -1.64
CA LEU B 180 -21.25 -6.89 -1.37
C LEU B 180 -21.76 -6.65 0.07
N THR B 181 -20.88 -6.71 1.05
CA THR B 181 -21.28 -6.50 2.45
C THR B 181 -21.78 -5.07 2.66
N ASP B 182 -21.11 -4.10 2.04
CA ASP B 182 -21.53 -2.70 2.05
C ASP B 182 -22.93 -2.51 1.48
N GLN B 183 -23.25 -3.22 0.41
CA GLN B 183 -24.59 -3.12 -0.18
C GLN B 183 -25.68 -3.64 0.74
N MET B 184 -25.34 -4.56 1.63
CA MET B 184 -26.30 -5.10 2.57
C MET B 184 -26.58 -4.17 3.73
N THR B 185 -25.62 -3.35 4.11
CA THR B 185 -25.76 -2.52 5.31
C THR B 185 -25.94 -1.04 5.04
N ARG B 186 -25.22 -0.52 4.04
CA ARG B 186 -25.41 0.86 3.56
C ARG B 186 -25.53 0.88 2.03
N PRO B 187 -26.65 0.44 1.49
CA PRO B 187 -26.78 0.34 0.03
C PRO B 187 -26.69 1.70 -0.71
N ASP B 188 -25.86 1.78 -1.73
CA ASP B 188 -25.82 2.96 -2.59
C ASP B 188 -26.75 2.90 -3.80
N GLY B 189 -27.50 1.81 -3.96
CA GLY B 189 -28.51 1.71 -5.00
C GLY B 189 -28.18 0.84 -6.19
N SER B 190 -26.92 0.41 -6.32
CA SER B 190 -26.54 -0.54 -7.35
C SER B 190 -27.11 -1.96 -7.15
N MET B 191 -27.39 -2.34 -5.90
CA MET B 191 -27.84 -3.69 -5.58
C MET B 191 -28.88 -3.71 -4.48
N THR B 192 -29.93 -4.52 -4.66
CA THR B 192 -30.82 -4.81 -3.55
C THR B 192 -30.11 -5.73 -2.52
N PHE B 193 -30.66 -5.80 -1.31
CA PHE B 193 -30.14 -6.72 -0.31
C PHE B 193 -30.17 -8.14 -0.87
N ALA B 194 -31.28 -8.53 -1.46
CA ALA B 194 -31.46 -9.84 -2.08
C ALA B 194 -30.39 -10.16 -3.13
N GLU B 195 -30.01 -9.17 -3.96
CA GLU B 195 -28.97 -9.35 -4.96
C GLU B 195 -27.59 -9.51 -4.34
N ALA B 196 -27.29 -8.70 -3.33
CA ALA B 196 -25.99 -8.77 -2.70
C ALA B 196 -25.86 -10.10 -1.92
N LYS B 197 -26.92 -10.55 -1.28
CA LYS B 197 -26.89 -11.81 -0.55
C LYS B 197 -26.71 -13.00 -1.50
N GLU B 198 -27.39 -12.95 -2.64
CA GLU B 198 -27.27 -14.04 -3.61
C GLU B 198 -25.86 -14.12 -4.21
N ALA B 199 -25.21 -12.96 -4.35
CA ALA B 199 -23.85 -12.91 -4.85
C ALA B 199 -22.88 -13.42 -3.79
N LEU B 200 -23.16 -13.15 -2.52
CA LEU B 200 -22.31 -13.68 -1.45
C LEU B 200 -22.45 -15.21 -1.40
N TYR B 201 -23.66 -15.68 -1.54
CA TYR B 201 -23.97 -17.10 -1.59
C TYR B 201 -23.31 -17.79 -2.80
N ASP B 202 -23.34 -17.13 -3.96
CA ASP B 202 -22.68 -17.61 -5.16
C ASP B 202 -21.17 -17.77 -4.94
N TYR B 203 -20.57 -16.84 -4.23
CA TYR B 203 -19.16 -16.91 -3.91
C TYR B 203 -18.82 -18.10 -2.99
N LEU B 204 -19.67 -18.32 -1.99
CA LEU B 204 -19.40 -19.35 -1.00
C LEU B 204 -19.70 -20.78 -1.45
N ILE B 205 -20.68 -20.98 -2.31
CA ILE B 205 -21.15 -22.34 -2.60
C ILE B 205 -20.01 -23.33 -2.99
N PRO B 206 -19.19 -22.99 -3.97
CA PRO B 206 -18.10 -23.89 -4.38
C PRO B 206 -17.00 -24.03 -3.32
N ILE B 207 -16.79 -22.99 -2.52
CA ILE B 207 -15.80 -23.06 -1.47
C ILE B 207 -16.28 -24.08 -0.43
N ILE B 208 -17.55 -23.98 -0.04
CA ILE B 208 -18.11 -24.88 0.94
C ILE B 208 -18.08 -26.35 0.47
N GLU B 209 -18.35 -26.59 -0.81
CA GLU B 209 -18.35 -27.96 -1.35
C GLU B 209 -16.92 -28.51 -1.31
N GLN B 210 -15.95 -27.69 -1.73
CA GLN B 210 -14.53 -28.02 -1.70
C GLN B 210 -14.02 -28.43 -0.31
N ARG B 211 -14.47 -27.71 0.72
CA ARG B 211 -13.99 -27.94 2.08
C ARG B 211 -14.70 -29.03 2.82
N ARG B 212 -15.86 -29.43 2.32
CA ARG B 212 -16.54 -30.62 2.78
C ARG B 212 -15.89 -31.90 2.23
N GLN B 213 -15.25 -31.78 1.08
CA GLN B 213 -14.52 -32.90 0.48
C GLN B 213 -13.12 -33.05 1.07
N LYS B 214 -12.43 -31.91 1.23
CA LYS B 214 -11.05 -31.86 1.71
C LYS B 214 -10.94 -30.82 2.85
N PRO B 215 -11.36 -31.19 4.06
CA PRO B 215 -11.38 -30.26 5.18
C PRO B 215 -10.02 -29.72 5.62
N GLY B 216 -9.97 -28.42 5.88
CA GLY B 216 -8.85 -27.78 6.55
C GLY B 216 -9.19 -27.43 7.98
N THR B 217 -8.45 -26.49 8.55
CA THR B 217 -8.65 -26.01 9.93
C THR B 217 -9.19 -24.57 10.00
N ASP B 218 -9.45 -23.99 8.83
CA ASP B 218 -10.05 -22.67 8.70
C ASP B 218 -11.55 -22.68 9.07
N ALA B 219 -12.11 -21.50 9.31
CA ALA B 219 -13.50 -21.38 9.77
C ALA B 219 -14.54 -21.93 8.81
N ILE B 220 -14.31 -21.82 7.50
CA ILE B 220 -15.31 -22.36 6.58
C ILE B 220 -15.33 -23.88 6.70
N SER B 221 -14.16 -24.51 6.80
CA SER B 221 -14.08 -25.97 6.95
C SER B 221 -14.78 -26.42 8.23
N ILE B 222 -14.62 -25.65 9.31
CA ILE B 222 -15.15 -26.04 10.60
C ILE B 222 -16.67 -25.98 10.58
N VAL B 223 -17.21 -24.94 9.96
CA VAL B 223 -18.65 -24.79 9.88
C VAL B 223 -19.25 -25.83 8.96
N ALA B 224 -18.65 -25.97 7.78
CA ALA B 224 -19.20 -26.81 6.73
C ALA B 224 -19.16 -28.30 7.07
N ASN B 225 -18.23 -28.69 7.93
CA ASN B 225 -18.10 -30.09 8.37
C ASN B 225 -18.65 -30.30 9.78
N GLY B 226 -19.38 -29.30 10.30
CA GLY B 226 -19.80 -29.31 11.67
C GLY B 226 -21.10 -30.03 11.89
N GLN B 227 -21.44 -30.17 13.16
CA GLN B 227 -22.68 -30.76 13.58
C GLN B 227 -23.48 -29.72 14.33
N VAL B 228 -24.80 -29.84 14.24
CA VAL B 228 -25.70 -29.01 14.98
C VAL B 228 -26.53 -29.93 15.87
N ASN B 229 -26.28 -29.83 17.17
CA ASN B 229 -26.84 -30.71 18.18
C ASN B 229 -26.81 -32.17 17.71
N GLY B 230 -25.62 -32.58 17.33
CA GLY B 230 -25.32 -33.98 17.04
C GLY B 230 -25.62 -34.49 15.65
N ARG B 231 -26.13 -33.65 14.76
CA ARG B 231 -26.41 -34.08 13.38
C ARG B 231 -25.68 -33.19 12.34
N PRO B 232 -25.32 -33.76 11.19
CA PRO B 232 -24.49 -33.03 10.23
C PRO B 232 -25.17 -31.78 9.69
N ILE B 233 -24.42 -30.70 9.60
CA ILE B 233 -24.91 -29.48 8.99
C ILE B 233 -25.06 -29.76 7.49
N THR B 234 -26.06 -29.15 6.86
CA THR B 234 -26.21 -29.22 5.41
C THR B 234 -25.40 -28.13 4.72
N SER B 235 -25.23 -28.30 3.41
CA SER B 235 -24.51 -27.36 2.58
C SER B 235 -25.16 -25.98 2.64
N ASP B 236 -26.47 -25.96 2.54
CA ASP B 236 -27.28 -24.75 2.61
C ASP B 236 -27.19 -24.00 3.96
N GLU B 237 -27.30 -24.74 5.06
CA GLU B 237 -27.10 -24.16 6.39
C GLU B 237 -25.69 -23.56 6.53
N ALA B 238 -24.68 -24.28 6.05
CA ALA B 238 -23.30 -23.83 6.15
C ALA B 238 -23.14 -22.51 5.40
N LYS B 239 -23.78 -22.42 4.23
CA LYS B 239 -23.74 -21.23 3.40
C LYS B 239 -24.38 -20.04 4.12
N ARG B 240 -25.54 -20.29 4.73
CA ARG B 240 -26.22 -19.25 5.48
C ARG B 240 -25.49 -18.80 6.74
N MET B 241 -24.69 -19.67 7.34
CA MET B 241 -23.90 -19.30 8.49
C MET B 241 -22.61 -18.58 8.07
N CYS B 242 -21.94 -19.11 7.04
CA CYS B 242 -20.67 -18.52 6.57
C CYS B 242 -20.89 -17.11 6.00
N GLY B 243 -22.05 -16.93 5.38
CA GLY B 243 -22.47 -15.65 4.86
C GLY B 243 -22.58 -14.62 5.96
N LEU B 244 -23.16 -15.01 7.09
CA LEU B 244 -23.31 -14.10 8.20
C LEU B 244 -21.94 -13.76 8.77
N LEU B 245 -21.10 -14.78 8.91
CA LEU B 245 -19.77 -14.56 9.48
C LEU B 245 -18.96 -13.58 8.65
N LEU B 246 -19.09 -13.70 7.33
CA LEU B 246 -18.41 -12.83 6.39
C LEU B 246 -18.85 -11.37 6.59
N VAL B 247 -20.15 -11.16 6.72
CA VAL B 247 -20.68 -9.81 6.92
C VAL B 247 -20.17 -9.22 8.22
N GLY B 248 -20.19 -10.03 9.30
CA GLY B 248 -19.63 -9.63 10.58
C GLY B 248 -18.16 -9.25 10.52
N GLY B 249 -17.37 -10.03 9.79
CA GLY B 249 -15.94 -9.80 9.70
C GLY B 249 -15.50 -8.61 8.85
N LEU B 250 -16.34 -8.20 7.92
CA LEU B 250 -15.97 -7.19 6.93
C LEU B 250 -16.56 -5.80 7.14
N ASP B 251 -17.59 -5.70 7.98
N ASP B 251 -17.53 -5.64 8.04
CA ASP B 251 -18.41 -4.50 8.03
CA ASP B 251 -18.09 -4.30 8.25
C ASP B 251 -18.80 -4.08 9.46
C ASP B 251 -17.99 -3.68 9.66
N THR B 252 -17.95 -4.38 10.43
N THR B 252 -18.31 -4.43 10.70
CA THR B 252 -18.26 -4.06 11.82
CA THR B 252 -18.42 -3.80 12.02
C THR B 252 -17.13 -3.27 12.47
C THR B 252 -17.11 -3.18 12.54
N VAL B 253 -16.09 -3.98 12.86
CA VAL B 253 -14.86 -3.41 13.42
C VAL B 253 -14.22 -2.38 12.48
N VAL B 254 -14.27 -2.65 11.18
CA VAL B 254 -13.77 -1.72 10.18
C VAL B 254 -14.30 -0.31 10.43
N ASN B 255 -15.62 -0.20 10.55
CA ASN B 255 -16.25 1.09 10.70
C ASN B 255 -16.02 1.65 12.09
N PHE B 256 -16.04 0.79 13.10
CA PHE B 256 -15.85 1.25 14.46
C PHE B 256 -14.47 1.86 14.68
N LEU B 257 -13.42 1.23 14.16
CA LEU B 257 -12.08 1.77 14.28
C LEU B 257 -12.01 3.21 13.78
N SER B 258 -12.65 3.51 12.65
CA SER B 258 -12.65 4.86 12.12
C SER B 258 -13.35 5.90 12.99
N PHE B 259 -14.49 5.55 13.61
CA PHE B 259 -15.12 6.49 14.54
C PHE B 259 -14.20 6.79 15.72
N SER B 260 -13.56 5.76 16.27
CA SER B 260 -12.70 5.90 17.45
C SER B 260 -11.45 6.70 17.10
N MET B 261 -10.87 6.47 15.91
CA MET B 261 -9.65 7.17 15.51
C MET B 261 -9.95 8.61 15.16
N GLU B 262 -11.12 8.89 14.59
CA GLU B 262 -11.49 10.27 14.32
C GLU B 262 -11.56 11.01 15.64
N PHE B 263 -12.24 10.42 16.62
CA PHE B 263 -12.36 11.06 17.93
C PHE B 263 -10.99 11.34 18.54
N LEU B 264 -10.10 10.35 18.50
CA LEU B 264 -8.78 10.45 19.12
C LEU B 264 -7.94 11.48 18.40
N ALA B 265 -8.08 11.58 17.08
CA ALA B 265 -7.40 12.59 16.29
C ALA B 265 -7.85 14.01 16.64
N LYS B 266 -9.12 14.13 17.02
CA LYS B 266 -9.69 15.40 17.41
C LYS B 266 -9.50 15.74 18.90
N SER B 267 -9.01 14.79 19.70
CA SER B 267 -8.94 14.99 21.14
C SER B 267 -7.58 14.62 21.75
N PRO B 268 -6.62 15.56 21.72
CA PRO B 268 -5.29 15.31 22.27
C PRO B 268 -5.29 14.97 23.75
N GLU B 269 -6.19 15.57 24.54
CA GLU B 269 -6.30 15.24 25.97
C GLU B 269 -6.59 13.75 26.19
N HIS B 270 -7.45 13.19 25.37
CA HIS B 270 -7.79 11.77 25.46
C HIS B 270 -6.62 10.88 25.03
N ARG B 271 -5.91 11.26 23.96
CA ARG B 271 -4.73 10.49 23.55
C ARG B 271 -3.66 10.53 24.65
N GLN B 272 -3.50 11.70 25.28
CA GLN B 272 -2.50 11.90 26.32
C GLN B 272 -2.80 11.01 27.53
N GLU B 273 -4.07 10.94 27.91
CA GLU B 273 -4.50 10.11 29.04
C GLU B 273 -4.07 8.65 28.84
N LEU B 274 -4.17 8.15 27.61
CA LEU B 274 -3.86 6.74 27.35
C LEU B 274 -2.35 6.51 27.20
N ILE B 275 -1.64 7.50 26.68
CA ILE B 275 -0.18 7.45 26.62
C ILE B 275 0.38 7.41 28.06
N GLN B 276 -0.07 8.32 28.91
CA GLN B 276 0.38 8.39 30.30
C GLN B 276 -0.07 7.18 31.13
N ARG B 277 -1.26 6.66 30.86
CA ARG B 277 -1.81 5.54 31.62
C ARG B 277 -2.35 4.44 30.67
N PRO B 278 -1.44 3.64 30.11
CA PRO B 278 -1.82 2.58 29.16
C PRO B 278 -2.69 1.48 29.78
N GLU B 279 -2.65 1.34 31.11
CA GLU B 279 -3.52 0.40 31.82
C GLU B 279 -5.03 0.68 31.65
N ARG B 280 -5.37 1.90 31.24
CA ARG B 280 -6.76 2.30 31.03
C ARG B 280 -7.32 1.97 29.64
N ILE B 281 -6.51 1.37 28.78
CA ILE B 281 -6.90 1.16 27.38
C ILE B 281 -8.12 0.26 27.24
N PRO B 282 -8.21 -0.85 27.98
CA PRO B 282 -9.44 -1.66 27.97
C PRO B 282 -10.70 -0.88 28.39
N ALA B 283 -10.60 -0.05 29.43
CA ALA B 283 -11.73 0.75 29.86
C ALA B 283 -12.08 1.79 28.77
N ALA B 284 -11.05 2.31 28.12
CA ALA B 284 -11.22 3.27 27.05
C ALA B 284 -11.91 2.62 25.85
N CYS B 285 -11.59 1.35 25.60
CA CYS B 285 -12.24 0.58 24.54
C CYS B 285 -13.74 0.47 24.79
N GLU B 286 -14.13 0.22 26.03
CA GLU B 286 -15.56 0.06 26.37
C GLU B 286 -16.32 1.37 26.25
N GLU B 287 -15.66 2.47 26.62
CA GLU B 287 -16.28 3.78 26.57
C GLU B 287 -16.38 4.27 25.13
N LEU B 288 -15.44 3.91 24.28
CA LEU B 288 -15.58 4.20 22.85
C LEU B 288 -16.68 3.35 22.20
N LEU B 289 -16.80 2.10 22.64
CA LEU B 289 -17.83 1.19 22.14
C LEU B 289 -19.22 1.72 22.45
N ARG B 290 -19.37 2.39 23.59
CA ARG B 290 -20.62 3.01 23.97
C ARG B 290 -20.89 4.27 23.13
N ARG B 291 -19.92 5.16 23.06
CA ARG B 291 -20.15 6.48 22.47
C ARG B 291 -20.24 6.42 20.94
N PHE B 292 -19.49 5.51 20.33
CA PHE B 292 -19.46 5.33 18.87
C PHE B 292 -20.03 3.98 18.43
N SER B 293 -21.01 3.52 19.19
CA SER B 293 -21.90 2.44 18.84
C SER B 293 -22.48 2.72 17.43
N LEU B 294 -22.65 1.68 16.63
CA LEU B 294 -22.89 1.89 15.21
C LEU B 294 -23.90 0.93 14.53
N VAL B 295 -24.47 0.01 15.29
CA VAL B 295 -25.42 -0.95 14.70
C VAL B 295 -26.87 -0.57 15.02
N ALA B 296 -27.76 -0.77 14.05
CA ALA B 296 -29.19 -0.67 14.25
C ALA B 296 -29.94 -1.67 13.38
N ASP B 297 -30.27 -2.81 13.96
CA ASP B 297 -31.28 -3.62 13.27
C ASP B 297 -32.54 -3.72 14.10
N GLY B 298 -33.34 -4.76 13.91
CA GLY B 298 -34.57 -4.86 14.64
C GLY B 298 -35.29 -6.17 14.47
N ARG B 299 -36.60 -6.11 14.61
CA ARG B 299 -37.41 -7.32 14.71
C ARG B 299 -38.74 -7.09 14.05
N ILE B 300 -39.50 -8.17 13.90
CA ILE B 300 -40.85 -8.10 13.36
C ILE B 300 -41.84 -8.65 14.40
N LEU B 301 -43.02 -8.05 14.46
CA LEU B 301 -44.01 -8.45 15.43
C LEU B 301 -44.66 -9.77 14.98
N THR B 302 -44.75 -10.72 15.89
CA THR B 302 -45.31 -12.02 15.54
C THR B 302 -46.83 -12.02 15.72
N SER B 303 -47.34 -11.09 16.50
CA SER B 303 -48.77 -11.01 16.79
C SER B 303 -49.09 -9.61 17.21
N ASP B 304 -50.37 -9.27 17.28
CA ASP B 304 -50.80 -7.96 17.78
C ASP B 304 -50.38 -7.92 19.22
N TYR B 305 -49.82 -6.80 19.66
CA TYR B 305 -49.24 -6.71 20.97
C TYR B 305 -49.19 -5.27 21.41
N GLU B 306 -49.70 -5.01 22.60
CA GLU B 306 -49.59 -3.71 23.23
C GLU B 306 -48.29 -3.62 24.00
N PHE B 307 -47.47 -2.62 23.66
CA PHE B 307 -46.13 -2.47 24.19
C PHE B 307 -46.02 -1.00 24.62
N HIS B 308 -45.81 -0.77 25.91
CA HIS B 308 -45.63 0.57 26.46
C HIS B 308 -46.72 1.51 25.99
N GLY B 309 -47.95 1.00 26.07
CA GLY B 309 -49.15 1.75 25.74
C GLY B 309 -49.42 1.95 24.26
N VAL B 310 -48.63 1.32 23.40
CA VAL B 310 -48.81 1.46 21.95
C VAL B 310 -49.23 0.12 21.33
N GLN B 311 -50.30 0.13 20.54
CA GLN B 311 -50.78 -1.07 19.87
C GLN B 311 -49.96 -1.41 18.62
N LEU B 312 -49.15 -2.44 18.74
CA LEU B 312 -48.35 -2.93 17.63
C LEU B 312 -49.16 -4.03 16.95
N LYS B 313 -49.00 -4.16 15.64
CA LYS B 313 -49.77 -5.08 14.84
C LYS B 313 -48.86 -6.15 14.26
N LYS B 314 -49.38 -7.38 14.19
CA LYS B 314 -48.65 -8.45 13.57
C LYS B 314 -48.07 -8.02 12.23
N GLY B 315 -46.79 -8.28 12.02
CA GLY B 315 -46.16 -7.98 10.76
C GLY B 315 -45.50 -6.62 10.73
N ASP B 316 -45.82 -5.75 11.68
CA ASP B 316 -45.14 -4.47 11.83
C ASP B 316 -43.66 -4.74 12.09
N GLN B 317 -42.81 -3.96 11.46
CA GLN B 317 -41.41 -4.00 11.80
C GLN B 317 -41.10 -2.92 12.84
N ILE B 318 -40.13 -3.22 13.71
CA ILE B 318 -39.63 -2.28 14.70
C ILE B 318 -38.09 -2.26 14.69
N LEU B 319 -37.54 -1.08 14.43
CA LEU B 319 -36.12 -0.82 14.57
C LEU B 319 -35.79 -0.64 16.05
N LEU B 320 -34.77 -1.36 16.51
CA LEU B 320 -34.38 -1.40 17.90
C LEU B 320 -32.90 -1.04 17.95
N PRO B 321 -32.57 0.24 17.78
CA PRO B 321 -31.20 0.63 17.49
C PRO B 321 -30.25 0.34 18.62
N GLN B 322 -29.39 -0.65 18.43
CA GLN B 322 -28.43 -1.01 19.45
C GLN B 322 -27.60 0.21 19.86
N MET B 323 -27.34 1.09 18.90
CA MET B 323 -26.51 2.28 19.17
C MET B 323 -27.13 3.24 20.20
N LEU B 324 -28.45 3.27 20.30
CA LEU B 324 -29.15 4.29 21.08
C LEU B 324 -29.11 4.04 22.59
N SER B 325 -29.04 2.77 22.99
CA SER B 325 -29.06 2.43 24.41
C SER B 325 -28.00 3.15 25.22
N GLY B 326 -26.76 3.12 24.78
CA GLY B 326 -25.67 3.74 25.51
C GLY B 326 -25.58 5.25 25.36
N LEU B 327 -26.28 5.78 24.35
CA LEU B 327 -26.41 7.21 24.14
C LEU B 327 -27.59 7.84 24.93
N ASP B 328 -28.45 6.97 25.43
CA ASP B 328 -29.61 7.36 26.23
C ASP B 328 -29.14 7.97 27.56
N GLU B 329 -29.51 9.22 27.82
CA GLU B 329 -29.12 9.91 29.07
C GLU B 329 -29.75 9.25 30.31
N ARG B 330 -30.81 8.47 30.12
CA ARG B 330 -31.37 7.62 31.19
C ARG B 330 -30.50 6.39 31.54
N GLU B 331 -29.55 6.04 30.69
CA GLU B 331 -28.57 4.99 30.98
C GLU B 331 -27.23 5.57 31.39
N ASN B 332 -26.82 6.69 30.78
CA ASN B 332 -25.49 7.27 31.00
C ASN B 332 -25.57 8.80 31.01
N ALA B 333 -25.27 9.42 32.14
CA ALA B 333 -25.23 10.88 32.27
C ALA B 333 -24.26 11.48 31.27
N CYS B 334 -24.61 12.62 30.71
CA CYS B 334 -23.79 13.31 29.74
C CYS B 334 -23.32 12.33 28.66
N PRO B 335 -24.27 11.68 27.96
CA PRO B 335 -23.94 10.53 27.10
C PRO B 335 -23.01 10.83 25.93
N MET B 336 -23.01 12.06 25.45
CA MET B 336 -22.12 12.44 24.35
C MET B 336 -20.66 12.71 24.76
N HIS B 337 -20.42 12.94 26.05
CA HIS B 337 -19.05 13.04 26.59
C HIS B 337 -18.41 11.67 26.62
N VAL B 338 -17.15 11.58 26.18
CA VAL B 338 -16.29 10.41 26.39
C VAL B 338 -15.47 10.58 27.66
N ASP B 339 -15.71 9.70 28.63
CA ASP B 339 -15.01 9.71 29.90
C ASP B 339 -14.42 8.32 30.15
N PHE B 340 -13.10 8.18 30.05
CA PHE B 340 -12.48 6.84 30.19
C PHE B 340 -12.57 6.29 31.61
N SER B 341 -12.82 7.17 32.57
CA SER B 341 -13.05 6.75 33.95
C SER B 341 -14.54 6.64 34.32
N ARG B 342 -15.42 6.72 33.33
CA ARG B 342 -16.86 6.56 33.56
C ARG B 342 -17.10 5.28 34.33
N GLN B 343 -17.86 5.38 35.42
CA GLN B 343 -17.95 4.32 36.41
C GLN B 343 -18.75 3.09 36.01
N LYS B 344 -19.91 3.30 35.42
CA LYS B 344 -20.80 2.23 34.95
C LYS B 344 -21.10 2.51 33.48
N VAL B 345 -20.32 1.93 32.60
CA VAL B 345 -20.50 2.07 31.15
C VAL B 345 -21.63 1.14 30.75
N SER B 346 -22.79 1.69 30.44
CA SER B 346 -23.95 0.90 30.07
C SER B 346 -24.14 1.04 28.56
N HIS B 347 -24.21 -0.07 27.84
CA HIS B 347 -24.52 -0.04 26.39
C HIS B 347 -25.14 -1.37 25.92
N THR B 348 -25.64 -1.37 24.68
CA THR B 348 -26.03 -2.60 23.97
C THR B 348 -25.33 -2.65 22.60
N THR B 349 -24.08 -2.22 22.57
CA THR B 349 -23.35 -2.07 21.30
C THR B 349 -23.19 -3.40 20.59
N PHE B 350 -23.01 -4.47 21.37
CA PHE B 350 -22.95 -5.84 20.85
C PHE B 350 -24.30 -6.59 20.89
N GLY B 351 -25.41 -5.87 20.94
CA GLY B 351 -26.72 -6.48 21.00
C GLY B 351 -27.18 -6.77 22.43
N HIS B 352 -28.32 -7.41 22.50
CA HIS B 352 -28.95 -7.74 23.76
C HIS B 352 -29.84 -8.96 23.54
N GLY B 353 -29.86 -9.83 24.54
CA GLY B 353 -30.71 -11.02 24.52
C GLY B 353 -30.01 -12.20 23.87
N SER B 354 -30.78 -13.06 23.22
CA SER B 354 -30.22 -14.33 22.74
C SER B 354 -29.27 -14.24 21.53
N HIS B 355 -29.23 -13.09 20.86
CA HIS B 355 -28.40 -12.88 19.69
C HIS B 355 -27.15 -12.04 19.98
N LEU B 356 -26.78 -11.93 21.25
CA LEU B 356 -25.58 -11.19 21.66
C LEU B 356 -24.39 -11.54 20.74
N CYS B 357 -23.63 -10.53 20.33
CA CYS B 357 -22.60 -10.70 19.32
C CYS B 357 -21.63 -11.82 19.66
N LEU B 358 -21.38 -12.70 18.70
CA LEU B 358 -20.43 -13.80 18.90
C LEU B 358 -19.00 -13.34 18.63
N GLY B 359 -18.83 -12.29 17.84
CA GLY B 359 -17.50 -11.79 17.54
C GLY B 359 -16.97 -10.71 18.46
N GLN B 360 -17.65 -10.46 19.57
CA GLN B 360 -17.31 -9.32 20.41
C GLN B 360 -15.93 -9.42 21.09
N HIS B 361 -15.50 -10.64 21.37
CA HIS B 361 -14.18 -10.88 21.95
C HIS B 361 -13.09 -10.60 20.92
N LEU B 362 -13.29 -11.04 19.67
CA LEU B 362 -12.38 -10.71 18.59
C LEU B 362 -12.35 -9.21 18.39
N ALA B 363 -13.52 -8.56 18.42
CA ALA B 363 -13.60 -7.14 18.15
C ALA B 363 -12.87 -6.34 19.23
N ARG B 364 -13.04 -6.69 20.50
CA ARG B 364 -12.36 -5.99 21.60
C ARG B 364 -10.86 -6.15 21.51
N ARG B 365 -10.41 -7.34 21.11
CA ARG B 365 -8.98 -7.57 20.92
C ARG B 365 -8.43 -6.69 19.83
N GLU B 366 -9.12 -6.61 18.70
CA GLU B 366 -8.66 -5.77 17.62
C GLU B 366 -8.58 -4.31 18.03
N ILE B 367 -9.58 -3.84 18.79
CA ILE B 367 -9.63 -2.45 19.23
C ILE B 367 -8.50 -2.09 20.17
N ILE B 368 -8.30 -2.94 21.17
CA ILE B 368 -7.33 -2.68 22.23
C ILE B 368 -5.92 -2.76 21.64
N VAL B 369 -5.69 -3.75 20.79
CA VAL B 369 -4.40 -3.90 20.11
C VAL B 369 -4.13 -2.68 19.25
N THR B 370 -5.16 -2.15 18.59
CA THR B 370 -4.98 -0.95 17.78
C THR B 370 -4.62 0.29 18.61
N LEU B 371 -5.32 0.48 19.71
CA LEU B 371 -5.05 1.61 20.59
C LEU B 371 -3.63 1.53 21.12
N LYS B 372 -3.27 0.39 21.69
CA LYS B 372 -1.94 0.13 22.25
C LYS B 372 -0.83 0.41 21.23
N GLU B 373 -0.93 -0.21 20.04
CA GLU B 373 0.16 -0.18 19.08
C GLU B 373 0.25 1.13 18.30
N TRP B 374 -0.89 1.76 18.02
CA TRP B 374 -0.88 3.04 17.35
C TRP B 374 -0.36 4.16 18.26
N LEU B 375 -0.79 4.17 19.51
CA LEU B 375 -0.45 5.28 20.39
C LEU B 375 1.03 5.23 20.80
N THR B 376 1.57 4.03 20.97
CA THR B 376 3.00 3.78 21.17
C THR B 376 3.88 4.33 20.05
N ARG B 377 3.43 4.20 18.80
CA ARG B 377 4.24 4.54 17.65
C ARG B 377 3.93 5.90 17.06
N ILE B 378 2.66 6.29 17.10
CA ILE B 378 2.20 7.55 16.52
C ILE B 378 1.30 8.26 17.55
N PRO B 379 1.91 8.75 18.64
CA PRO B 379 1.14 9.28 19.78
C PRO B 379 0.45 10.58 19.45
N ASP B 380 0.98 11.30 18.48
CA ASP B 380 0.50 12.60 18.12
C ASP B 380 0.12 12.61 16.66
N PHE B 381 -1.16 12.89 16.40
CA PHE B 381 -1.67 12.96 15.05
C PHE B 381 -2.95 13.75 15.03
N SER B 382 -3.35 14.15 13.83
CA SER B 382 -4.45 15.09 13.63
C SER B 382 -5.23 14.75 12.38
N ILE B 383 -6.43 15.29 12.27
CA ILE B 383 -7.17 15.25 11.02
C ILE B 383 -6.44 16.17 10.05
N ALA B 384 -6.37 15.77 8.78
CA ALA B 384 -5.74 16.62 7.76
C ALA B 384 -6.42 17.99 7.76
N PRO B 385 -5.64 19.07 7.65
CA PRO B 385 -6.22 20.41 7.70
C PRO B 385 -7.33 20.57 6.65
N GLY B 386 -8.43 21.20 7.06
CA GLY B 386 -9.54 21.46 6.15
C GLY B 386 -10.56 20.34 5.99
N ALA B 387 -10.15 19.08 6.18
CA ALA B 387 -11.00 17.92 5.88
C ALA B 387 -12.30 17.91 6.70
N GLN B 388 -13.41 17.80 5.99
CA GLN B 388 -14.73 17.72 6.59
C GLN B 388 -15.11 16.25 6.63
N ILE B 389 -15.00 15.64 7.79
CA ILE B 389 -15.25 14.21 7.91
C ILE B 389 -16.74 13.95 7.74
N GLN B 390 -17.05 12.93 6.96
CA GLN B 390 -18.42 12.60 6.60
C GLN B 390 -18.76 11.18 7.06
N HIS B 391 -19.93 11.03 7.65
CA HIS B 391 -20.40 9.76 8.12
C HIS B 391 -21.50 9.28 7.19
N LYS B 392 -21.78 7.98 7.23
CA LYS B 392 -22.94 7.42 6.56
C LYS B 392 -23.67 6.51 7.53
N SER B 393 -24.97 6.47 7.36
CA SER B 393 -25.87 5.77 8.25
C SER B 393 -26.43 4.56 7.52
N GLY B 394 -26.73 3.52 8.28
CA GLY B 394 -27.46 2.38 7.76
C GLY B 394 -27.61 1.36 8.87
N ILE B 395 -27.68 0.08 8.51
CA ILE B 395 -27.74 -0.97 9.51
C ILE B 395 -26.46 -0.92 10.34
N VAL B 396 -25.34 -0.72 9.65
CA VAL B 396 -24.08 -0.43 10.29
C VAL B 396 -23.65 0.92 9.75
N SER B 397 -23.43 1.89 10.63
CA SER B 397 -23.03 3.23 10.21
C SER B 397 -21.49 3.22 10.09
N GLY B 398 -20.95 4.22 9.41
CA GLY B 398 -19.53 4.26 9.15
C GLY B 398 -19.01 5.64 8.79
N VAL B 399 -17.70 5.69 8.56
CA VAL B 399 -16.98 6.91 8.18
C VAL B 399 -16.54 6.74 6.73
N GLN B 400 -16.85 7.74 5.91
CA GLN B 400 -16.55 7.70 4.48
C GLN B 400 -15.04 7.80 4.26
N ALA B 401 -14.39 8.75 4.94
CA ALA B 401 -12.94 8.87 4.83
C ALA B 401 -12.36 9.61 6.01
N LEU B 402 -11.17 9.23 6.41
CA LEU B 402 -10.48 9.84 7.54
C LEU B 402 -9.01 10.11 7.23
N PRO B 403 -8.72 11.21 6.55
CA PRO B 403 -7.32 11.56 6.30
C PRO B 403 -6.64 12.07 7.57
N LEU B 404 -5.56 11.42 7.99
CA LEU B 404 -4.78 11.82 9.16
C LEU B 404 -3.42 12.37 8.78
N VAL B 405 -2.84 13.18 9.66
CA VAL B 405 -1.49 13.72 9.44
C VAL B 405 -0.74 13.83 10.75
N TRP B 406 0.56 13.62 10.67
CA TRP B 406 1.43 13.79 11.82
C TRP B 406 2.85 14.09 11.37
N ASP B 407 3.63 14.62 12.30
CA ASP B 407 5.05 14.86 12.06
C ASP B 407 5.81 13.56 12.33
N PRO B 408 6.46 12.97 11.31
CA PRO B 408 7.25 11.75 11.50
C PRO B 408 8.35 11.84 12.58
N ALA B 409 8.79 13.05 12.92
CA ALA B 409 9.74 13.28 14.01
C ALA B 409 9.17 12.97 15.39
N THR B 410 7.87 13.20 15.58
CA THR B 410 7.21 12.89 16.86
C THR B 410 6.95 11.40 17.08
N THR B 411 7.21 10.57 16.07
CA THR B 411 6.91 9.15 16.17
C THR B 411 8.03 8.37 16.88
N LYS B 412 7.78 7.10 17.17
CA LYS B 412 8.76 6.27 17.88
C LYS B 412 8.88 4.89 17.23
N ALA B 413 10.09 4.58 16.78
CA ALA B 413 10.38 3.30 16.15
C ALA B 413 10.51 2.19 17.20
N VAL B 414 9.42 1.43 17.36
CA VAL B 414 9.33 0.31 18.30
C VAL B 414 9.07 -0.98 17.52
#